data_9N0X
#
_entry.id   9N0X
#
_cell.length_a   1.00
_cell.length_b   1.00
_cell.length_c   1.00
_cell.angle_alpha   90.00
_cell.angle_beta   90.00
_cell.angle_gamma   90.00
#
_symmetry.space_group_name_H-M   'P 1'
#
loop_
_entity.id
_entity.type
_entity.pdbx_description
1 polymer 'Phosphatidylserine synthase 2'
2 non-polymer O-[(R)-{[(2R)-2,3-bis(octadecanoyloxy)propyl]oxy}(hydroxy)phosphoryl]-L-serine
3 non-polymer 'CALCIUM ION'
4 non-polymer '(7Z,19R,22R)-25-amino-22-hydroxy-16,22-dioxo-17,21,23-trioxa-22lambda~5~-phosphapentacos-7-en-19-yl (9Z)-octadec-9-enoate'
#
_entity_poly.entity_id   1
_entity_poly.type   'polypeptide(L)'
_entity_poly.pdbx_seq_one_letter_code
;MRRGERRDAGGPRPESPVPAGRASLEEPPDGPSAGQATGPGEGRRSTESEVYDDGTNTFFWRAHTLTVLFILTCTLGYVT
LLEETPQDTAYNTKRGIVASILVFLCFGVTQAKDGPFSRPHPAYWRFWLCVSVVYELFLIFILFQTVQDGRQFLKYVDPK
LGVPLPERDYGGNCLIYDPDNETDPFHNIWDKLDGFVPAHFLGWYLKTLMIRDWWMCMIISVMFEFLEYSLEHQLPNFSE
CWWDHWIMDVLVCNGLGIYCGMKTLEWLSLKTYKWQGLWNIPTYKGKMKRIAFQFTPYSWVRFEWKPASSLRRWLAVCGI
ILVFLLAELNTFYLKFVLWMPPEHYLVLLRLVFFVNVGGVAMREIYDFMDDPKPHKKLGPQAWLVAAITATELLIVVKYD
PHTLTLSLPFYISQCWTLGSVLALTWTVWRFFLRDITLRYKETRWQKWQNKDDQGSTVGNGDQHPLGLDEDLLGPGVAEG
EGAPTPN
;
_entity_poly.pdbx_strand_id   A,B
#
loop_
_chem_comp.id
_chem_comp.type
_chem_comp.name
_chem_comp.formula
CA non-polymer 'CALCIUM ION' 'Ca 2'
P5S non-polymer O-[(R)-{[(2R)-2,3-bis(octadecanoyloxy)propyl]oxy}(hydroxy)phosphoryl]-L-serine 'C42 H82 N O10 P'
RXY non-polymer '(7Z,19R,22R)-25-amino-22-hydroxy-16,22-dioxo-17,21,23-trioxa-22lambda~5~-phosphapentacos-7-en-19-yl (9Z)-octadec-9-enoate' 'C39 H74 N O8 P'
#
# COMPACT_ATOMS: atom_id res chain seq x y z
N THR A 58 20.13 10.30 -18.07
CA THR A 58 19.67 9.10 -17.38
C THR A 58 19.76 9.28 -15.86
N PHE A 59 19.86 10.53 -15.42
CA PHE A 59 19.96 10.81 -13.99
C PHE A 59 18.70 10.37 -13.26
N PHE A 60 17.53 10.67 -13.82
CA PHE A 60 16.27 10.36 -13.16
C PHE A 60 15.96 8.87 -13.13
N TRP A 61 16.62 8.06 -13.95
CA TRP A 61 16.32 6.64 -14.04
C TRP A 61 16.96 5.83 -12.91
N ARG A 62 17.91 6.41 -12.17
CA ARG A 62 18.48 5.76 -11.01
C ARG A 62 18.66 6.74 -9.85
N ALA A 63 17.89 7.82 -9.85
CA ALA A 63 18.03 8.88 -8.86
C ALA A 63 17.77 8.34 -7.46
N HIS A 64 18.14 9.15 -6.46
CA HIS A 64 18.12 8.73 -5.07
C HIS A 64 16.71 8.82 -4.51
N THR A 65 16.46 8.05 -3.44
CA THR A 65 15.18 8.03 -2.77
C THR A 65 15.17 8.82 -1.47
N LEU A 66 16.31 8.94 -0.80
CA LEU A 66 16.37 9.78 0.39
C LEU A 66 16.15 11.25 0.04
N THR A 67 16.55 11.66 -1.17
CA THR A 67 16.24 13.00 -1.62
C THR A 67 14.73 13.19 -1.74
N VAL A 68 14.02 12.19 -2.27
CA VAL A 68 12.57 12.26 -2.35
C VAL A 68 11.96 12.33 -0.96
N LEU A 69 12.48 11.52 -0.03
CA LEU A 69 11.97 11.56 1.35
C LEU A 69 12.18 12.93 1.96
N PHE A 70 13.36 13.52 1.77
CA PHE A 70 13.63 14.84 2.32
C PHE A 70 12.71 15.89 1.72
N ILE A 71 12.50 15.85 0.39
CA ILE A 71 11.64 16.83 -0.25
C ILE A 71 10.21 16.70 0.27
N LEU A 72 9.71 15.48 0.37
CA LEU A 72 8.36 15.27 0.88
C LEU A 72 8.22 15.76 2.32
N THR A 73 9.18 15.40 3.17
CA THR A 73 9.11 15.82 4.57
C THR A 73 9.15 17.33 4.69
N CYS A 74 10.05 17.98 3.95
CA CYS A 74 10.15 19.44 4.01
C CYS A 74 8.87 20.10 3.53
N THR A 75 8.31 19.62 2.42
CA THR A 75 7.12 20.26 1.87
C THR A 75 5.91 20.07 2.77
N LEU A 76 5.76 18.88 3.37
CA LEU A 76 4.60 18.66 4.23
C LEU A 76 4.77 19.40 5.56
N GLY A 77 5.98 19.43 6.10
CA GLY A 77 6.21 20.23 7.30
C GLY A 77 5.95 21.70 7.07
N TYR A 78 6.38 22.23 5.93
CA TYR A 78 6.11 23.63 5.62
C TYR A 78 4.61 23.88 5.51
N VAL A 79 3.91 23.07 4.71
CA VAL A 79 2.50 23.32 4.44
C VAL A 79 1.66 23.10 5.69
N THR A 80 2.18 22.35 6.66
CA THR A 80 1.41 22.11 7.87
C THR A 80 1.71 23.15 8.95
N LEU A 81 2.99 23.47 9.16
CA LEU A 81 3.35 24.35 10.26
C LEU A 81 3.34 25.82 9.84
N LEU A 82 4.03 26.16 8.76
CA LEU A 82 4.19 27.57 8.43
C LEU A 82 2.88 28.19 7.94
N GLU A 83 1.98 27.36 7.42
CA GLU A 83 0.65 27.82 7.06
C GLU A 83 -0.23 27.85 8.31
N GLU A 84 -1.47 28.32 8.18
CA GLU A 84 -2.42 28.38 9.28
C GLU A 84 -3.54 27.37 9.02
N THR A 85 -3.79 26.49 9.98
CA THR A 85 -4.81 25.49 9.82
C THR A 85 -6.20 26.11 9.95
N PRO A 86 -7.07 25.92 8.98
CA PRO A 86 -8.44 26.45 9.07
C PRO A 86 -9.21 25.78 10.20
N GLN A 87 -10.15 26.54 10.76
CA GLN A 87 -10.87 26.13 11.96
C GLN A 87 -12.15 25.35 11.63
N ASP A 88 -12.21 24.71 10.47
CA ASP A 88 -13.36 23.89 10.08
C ASP A 88 -12.89 22.48 9.76
N THR A 89 -13.56 21.48 10.34
CA THR A 89 -13.15 20.09 10.16
C THR A 89 -13.54 19.53 8.80
N ALA A 90 -14.56 20.10 8.14
CA ALA A 90 -14.98 19.61 6.84
C ALA A 90 -13.92 19.78 5.76
N TYR A 91 -13.13 20.86 5.83
CA TYR A 91 -12.05 21.07 4.88
C TYR A 91 -10.79 20.33 5.31
N ASN A 92 -10.50 20.31 6.61
CA ASN A 92 -9.30 19.65 7.11
C ASN A 92 -9.36 18.14 6.91
N THR A 93 -10.54 17.53 7.02
CA THR A 93 -10.64 16.09 6.80
C THR A 93 -10.33 15.73 5.35
N LYS A 94 -10.89 16.47 4.39
CA LYS A 94 -10.58 16.25 2.99
C LYS A 94 -9.11 16.51 2.72
N ARG A 95 -8.55 17.56 3.32
CA ARG A 95 -7.13 17.86 3.14
C ARG A 95 -6.27 16.72 3.66
N GLY A 96 -6.60 16.17 4.82
CA GLY A 96 -5.83 15.06 5.36
C GLY A 96 -5.93 13.81 4.51
N ILE A 97 -7.13 13.50 4.02
CA ILE A 97 -7.30 12.33 3.16
C ILE A 97 -6.49 12.50 1.88
N VAL A 98 -6.55 13.68 1.27
CA VAL A 98 -5.79 13.94 0.05
C VAL A 98 -4.30 13.85 0.31
N ALA A 99 -3.83 14.39 1.44
CA ALA A 99 -2.41 14.33 1.77
C ALA A 99 -1.96 12.90 1.99
N SER A 100 -2.77 12.09 2.68
CA SER A 100 -2.42 10.68 2.86
C SER A 100 -2.36 9.95 1.53
N ILE A 101 -3.32 10.22 0.63
CA ILE A 101 -3.29 9.60 -0.69
C ILE A 101 -2.03 10.01 -1.44
N LEU A 102 -1.68 11.30 -1.40
CA LEU A 102 -0.51 11.77 -2.10
C LEU A 102 0.77 11.14 -1.56
N VAL A 103 0.88 11.02 -0.23
CA VAL A 103 2.08 10.42 0.35
C VAL A 103 2.17 8.94 0.01
N PHE A 104 1.03 8.24 0.03
CA PHE A 104 1.04 6.84 -0.38
C PHE A 104 1.46 6.70 -1.83
N LEU A 105 0.96 7.59 -2.69
CA LEU A 105 1.36 7.57 -4.10
C LEU A 105 2.86 7.79 -4.25
N CYS A 106 3.41 8.75 -3.51
CA CYS A 106 4.84 9.03 -3.59
C CYS A 106 5.67 7.84 -3.12
N PHE A 107 5.30 7.26 -1.96
CA PHE A 107 6.03 6.13 -1.43
C PHE A 107 5.98 4.93 -2.38
N GLY A 108 4.80 4.66 -2.94
CA GLY A 108 4.69 3.57 -3.89
C GLY A 108 5.49 3.81 -5.15
N VAL A 109 5.42 5.04 -5.69
CA VAL A 109 6.17 5.35 -6.90
C VAL A 109 7.66 5.17 -6.67
N THR A 110 8.15 5.56 -5.50
CA THR A 110 9.59 5.48 -5.26
C THR A 110 10.05 4.13 -4.72
N GLN A 111 9.15 3.26 -4.26
CA GLN A 111 9.58 2.04 -3.59
C GLN A 111 8.77 0.79 -3.94
N ALA A 112 7.93 0.82 -4.98
CA ALA A 112 7.19 -0.39 -5.31
C ALA A 112 8.01 -1.26 -6.27
N LYS A 113 7.44 -2.42 -6.62
CA LYS A 113 8.11 -3.36 -7.51
C LYS A 113 7.90 -2.95 -8.96
N ASP A 114 8.88 -3.30 -9.79
CA ASP A 114 8.83 -3.00 -11.22
C ASP A 114 8.05 -4.09 -11.93
N GLY A 115 7.05 -3.70 -12.72
CA GLY A 115 6.25 -4.64 -13.46
C GLY A 115 6.92 -5.06 -14.74
N PRO A 116 6.25 -5.94 -15.49
CA PRO A 116 6.79 -6.38 -16.79
C PRO A 116 6.98 -5.24 -17.77
N PHE A 117 6.18 -4.18 -17.67
CA PHE A 117 6.32 -3.02 -18.54
C PHE A 117 7.29 -2.03 -17.92
N SER A 118 8.23 -1.55 -18.74
CA SER A 118 9.26 -0.62 -18.29
C SER A 118 9.14 0.75 -18.94
N ARG A 119 9.14 0.81 -20.26
CA ARG A 119 9.05 2.09 -20.96
C ARG A 119 7.65 2.69 -20.79
N PRO A 120 7.56 4.02 -20.67
CA PRO A 120 8.63 5.03 -20.69
C PRO A 120 9.41 5.14 -19.38
N HIS A 121 8.83 4.69 -18.28
CA HIS A 121 9.47 4.74 -16.97
C HIS A 121 8.70 3.84 -16.02
N PRO A 122 9.37 2.95 -15.29
CA PRO A 122 8.65 2.04 -14.38
C PRO A 122 7.85 2.79 -13.32
N ALA A 123 8.22 4.04 -13.04
CA ALA A 123 7.47 4.86 -12.11
C ALA A 123 6.03 5.06 -12.57
N TYR A 124 5.80 5.13 -13.88
CA TYR A 124 4.45 5.25 -14.42
C TYR A 124 3.58 4.07 -14.01
N TRP A 125 4.09 2.86 -14.21
CA TRP A 125 3.31 1.67 -13.88
C TRP A 125 3.20 1.46 -12.38
N ARG A 126 4.23 1.86 -11.61
CA ARG A 126 4.11 1.83 -10.16
C ARG A 126 3.02 2.79 -9.69
N PHE A 127 2.95 3.97 -10.31
CA PHE A 127 1.90 4.93 -9.98
C PHE A 127 0.52 4.36 -10.28
N TRP A 128 0.37 3.67 -11.41
CA TRP A 128 -0.92 3.07 -11.72
C TRP A 128 -1.25 1.92 -10.78
N LEU A 129 -0.25 1.15 -10.35
CA LEU A 129 -0.49 0.11 -9.34
C LEU A 129 -0.99 0.71 -8.02
N CYS A 130 -0.37 1.81 -7.60
CA CYS A 130 -0.81 2.47 -6.37
C CYS A 130 -2.21 3.04 -6.51
N VAL A 131 -2.52 3.61 -7.68
CA VAL A 131 -3.88 4.08 -7.94
C VAL A 131 -4.86 2.92 -7.86
N SER A 132 -4.48 1.75 -8.37
CA SER A 132 -5.34 0.58 -8.27
C SER A 132 -5.60 0.21 -6.80
N VAL A 133 -4.55 0.26 -5.98
CA VAL A 133 -4.71 -0.06 -4.56
C VAL A 133 -5.68 0.92 -3.91
N VAL A 134 -5.50 2.22 -4.18
CA VAL A 134 -6.34 3.24 -3.57
C VAL A 134 -7.79 3.06 -4.02
N TYR A 135 -7.99 2.80 -5.31
CA TYR A 135 -9.34 2.62 -5.83
C TYR A 135 -10.02 1.40 -5.21
N GLU A 136 -9.28 0.31 -5.03
CA GLU A 136 -9.84 -0.87 -4.38
C GLU A 136 -10.24 -0.58 -2.94
N LEU A 137 -9.39 0.14 -2.20
CA LEU A 137 -9.73 0.46 -0.81
C LEU A 137 -10.98 1.33 -0.74
N PHE A 138 -11.07 2.35 -1.61
CA PHE A 138 -12.24 3.21 -1.60
C PHE A 138 -13.49 2.44 -2.03
N LEU A 139 -13.36 1.52 -2.98
CA LEU A 139 -14.49 0.70 -3.41
C LEU A 139 -15.00 -0.15 -2.27
N ILE A 140 -14.10 -0.75 -1.49
CA ILE A 140 -14.54 -1.58 -0.37
C ILE A 140 -15.20 -0.72 0.70
N PHE A 141 -14.63 0.45 0.97
CA PHE A 141 -15.26 1.34 1.96
C PHE A 141 -16.66 1.75 1.52
N ILE A 142 -16.84 2.05 0.23
CA ILE A 142 -18.17 2.38 -0.27
C ILE A 142 -19.09 1.17 -0.17
N LEU A 143 -18.57 -0.04 -0.40
CA LEU A 143 -19.38 -1.24 -0.34
C LEU A 143 -19.92 -1.47 1.06
N PHE A 144 -19.09 -1.27 2.09
CA PHE A 144 -19.45 -1.68 3.44
C PHE A 144 -20.44 -0.74 4.13
N GLN A 145 -20.91 0.31 3.46
CA GLN A 145 -21.90 1.22 4.03
C GLN A 145 -23.28 0.92 3.47
N THR A 146 -24.25 1.72 3.85
CA THR A 146 -25.58 1.65 3.27
C THR A 146 -25.59 2.37 1.92
N VAL A 147 -26.70 2.25 1.18
CA VAL A 147 -26.74 2.79 -0.16
C VAL A 147 -26.80 4.32 -0.14
N GLN A 148 -27.69 4.89 0.68
CA GLN A 148 -27.80 6.35 0.70
C GLN A 148 -26.56 7.00 1.28
N ASP A 149 -25.96 6.40 2.30
CA ASP A 149 -24.72 6.95 2.84
C ASP A 149 -23.59 6.87 1.83
N GLY A 150 -23.54 5.80 1.03
CA GLY A 150 -22.56 5.73 -0.03
C GLY A 150 -22.76 6.80 -1.09
N ARG A 151 -24.01 7.06 -1.47
CA ARG A 151 -24.30 8.12 -2.41
C ARG A 151 -23.92 9.49 -1.84
N GLN A 152 -24.17 9.71 -0.56
CA GLN A 152 -23.74 10.96 0.06
C GLN A 152 -22.22 11.06 0.18
N PHE A 153 -21.54 9.92 0.32
CA PHE A 153 -20.08 9.94 0.28
C PHE A 153 -19.58 10.38 -1.10
N LEU A 154 -20.21 9.86 -2.15
CA LEU A 154 -19.89 10.35 -3.50
C LEU A 154 -20.22 11.83 -3.63
N LYS A 155 -21.26 12.29 -2.94
CA LYS A 155 -21.57 13.72 -2.92
C LYS A 155 -20.46 14.50 -2.22
N TYR A 156 -19.83 13.90 -1.20
CA TYR A 156 -18.66 14.50 -0.59
C TYR A 156 -17.52 14.61 -1.60
N VAL A 157 -17.38 13.59 -2.45
CA VAL A 157 -16.35 13.63 -3.50
C VAL A 157 -16.61 14.79 -4.45
N ASP A 158 -17.85 14.94 -4.90
CA ASP A 158 -18.24 16.04 -5.79
C ASP A 158 -19.60 16.56 -5.34
N PRO A 159 -19.74 17.86 -5.10
CA PRO A 159 -20.93 18.37 -4.40
C PRO A 159 -22.21 18.39 -5.23
N LYS A 160 -22.19 17.76 -6.42
CA LYS A 160 -23.38 17.71 -7.26
C LYS A 160 -24.05 16.35 -7.28
N LEU A 161 -23.36 15.29 -6.88
CA LEU A 161 -23.93 13.94 -6.89
C LEU A 161 -24.83 13.76 -5.68
N GLY A 162 -25.41 12.57 -5.53
CA GLY A 162 -26.35 12.31 -4.47
C GLY A 162 -27.78 12.69 -4.77
N VAL A 163 -28.09 13.04 -6.02
CA VAL A 163 -29.45 13.42 -6.40
C VAL A 163 -29.90 12.50 -7.53
N PRO A 164 -31.17 12.11 -7.59
CA PRO A 164 -31.63 11.25 -8.69
C PRO A 164 -31.58 11.98 -10.02
N LEU A 165 -30.71 11.52 -10.90
CA LEU A 165 -30.62 12.10 -12.24
C LEU A 165 -31.77 11.59 -13.12
N PRO A 166 -32.22 12.39 -14.09
CA PRO A 166 -33.30 11.93 -14.97
C PRO A 166 -32.85 10.82 -15.91
N GLU A 167 -33.83 10.03 -16.34
CA GLU A 167 -33.59 8.91 -17.25
C GLU A 167 -34.16 9.22 -18.63
N ARG A 168 -33.39 8.88 -19.66
CA ARG A 168 -33.79 9.12 -21.04
C ARG A 168 -33.45 7.90 -21.89
N ASP A 169 -34.16 7.73 -22.99
CA ASP A 169 -33.95 6.63 -23.91
C ASP A 169 -33.24 7.14 -25.16
N TYR A 170 -32.40 6.27 -25.74
CA TYR A 170 -31.60 6.60 -26.91
C TYR A 170 -32.08 5.94 -28.19
N GLY A 171 -32.48 4.66 -28.13
CA GLY A 171 -32.91 3.95 -29.31
C GLY A 171 -34.39 4.04 -29.58
N GLY A 172 -34.98 5.19 -29.25
CA GLY A 172 -36.40 5.38 -29.50
C GLY A 172 -36.74 5.57 -30.97
N ASN A 173 -35.75 5.96 -31.78
CA ASN A 173 -35.95 6.20 -33.20
C ASN A 173 -35.09 5.22 -33.99
N CYS A 174 -35.73 4.43 -34.83
CA CYS A 174 -35.05 3.48 -35.71
C CYS A 174 -35.54 3.74 -37.13
N LEU A 175 -35.22 2.83 -38.06
CA LEU A 175 -35.59 2.95 -39.47
C LEU A 175 -34.98 4.22 -40.08
N ILE A 176 -33.66 4.16 -40.24
CA ILE A 176 -32.87 5.31 -40.67
C ILE A 176 -33.49 5.99 -41.90
N TYR A 177 -33.92 5.20 -42.89
CA TYR A 177 -34.56 5.76 -44.07
C TYR A 177 -36.01 6.06 -43.71
N ASP A 178 -36.23 7.16 -42.99
CA ASP A 178 -37.51 7.52 -42.45
C ASP A 178 -38.06 8.76 -43.15
N PRO A 179 -39.23 8.68 -43.77
CA PRO A 179 -39.87 9.86 -44.35
C PRO A 179 -40.62 10.72 -43.33
N ASP A 180 -40.43 10.48 -42.03
CA ASP A 180 -41.09 11.30 -41.02
C ASP A 180 -40.61 12.74 -41.09
N ASN A 181 -39.31 12.94 -41.25
CA ASN A 181 -38.72 14.27 -41.37
C ASN A 181 -38.21 14.44 -42.80
N GLU A 182 -38.90 15.29 -43.57
CA GLU A 182 -38.53 15.47 -44.97
C GLU A 182 -37.22 16.22 -45.12
N THR A 183 -36.94 17.15 -44.20
CA THR A 183 -35.76 18.03 -44.36
C THR A 183 -34.47 17.24 -44.35
N ASP A 184 -34.29 16.34 -43.39
CA ASP A 184 -33.05 15.58 -43.24
C ASP A 184 -33.37 14.09 -43.18
N PRO A 185 -33.00 13.31 -44.20
CA PRO A 185 -33.22 11.86 -44.11
C PRO A 185 -32.46 11.20 -42.96
N PHE A 186 -31.31 11.77 -42.58
CA PHE A 186 -30.48 11.23 -41.51
C PHE A 186 -30.82 11.83 -40.14
N HIS A 187 -32.08 12.24 -39.94
CA HIS A 187 -32.47 12.80 -38.65
C HIS A 187 -32.33 11.77 -37.54
N ASN A 188 -32.58 10.49 -37.85
CA ASN A 188 -32.41 9.45 -36.86
C ASN A 188 -30.93 9.20 -36.57
N ILE A 189 -30.09 9.25 -37.61
CA ILE A 189 -28.66 9.00 -37.43
C ILE A 189 -28.00 10.12 -36.63
N TRP A 190 -28.47 11.36 -36.83
CA TRP A 190 -27.76 12.52 -36.31
C TRP A 190 -27.61 12.46 -34.79
N ASP A 191 -28.68 12.09 -34.08
CA ASP A 191 -28.58 11.97 -32.63
C ASP A 191 -27.68 10.82 -32.23
N LYS A 192 -27.65 9.76 -33.05
CA LYS A 192 -26.77 8.62 -32.74
C LYS A 192 -25.30 8.99 -32.88
N LEU A 193 -24.97 9.85 -33.84
CA LEU A 193 -23.58 10.23 -34.10
C LEU A 193 -23.15 11.21 -33.01
N ASP A 194 -22.71 10.65 -31.89
CA ASP A 194 -22.23 11.38 -30.74
C ASP A 194 -20.77 11.00 -30.49
N GLY A 195 -20.24 11.42 -29.33
CA GLY A 195 -18.89 11.05 -28.96
C GLY A 195 -18.69 9.58 -28.71
N PHE A 196 -19.77 8.79 -28.67
CA PHE A 196 -19.65 7.35 -28.44
C PHE A 196 -18.86 6.68 -29.56
N VAL A 197 -19.15 7.03 -30.81
CA VAL A 197 -18.47 6.37 -31.93
C VAL A 197 -16.98 6.67 -31.95
N PRO A 198 -16.51 7.91 -31.82
CA PRO A 198 -15.06 8.11 -31.71
C PRO A 198 -14.46 7.44 -30.48
N ALA A 199 -15.27 7.22 -29.43
CA ALA A 199 -14.78 6.53 -28.25
C ALA A 199 -14.58 5.05 -28.52
N HIS A 200 -15.46 4.45 -29.34
CA HIS A 200 -15.36 3.01 -29.61
C HIS A 200 -14.05 2.67 -30.30
N PHE A 201 -13.64 3.47 -31.28
CA PHE A 201 -12.41 3.18 -32.01
C PHE A 201 -11.20 3.16 -31.09
N LEU A 202 -11.03 4.21 -30.28
CA LEU A 202 -9.90 4.26 -29.35
C LEU A 202 -10.00 3.16 -28.30
N GLY A 203 -11.21 2.92 -27.79
CA GLY A 203 -11.36 1.92 -26.76
C GLY A 203 -10.97 0.53 -27.22
N TRP A 204 -11.45 0.13 -28.40
CA TRP A 204 -11.13 -1.21 -28.88
C TRP A 204 -9.72 -1.29 -29.46
N TYR A 205 -9.16 -0.17 -29.96
CA TYR A 205 -7.75 -0.14 -30.28
C TYR A 205 -6.89 -0.47 -29.07
N LEU A 206 -7.17 0.19 -27.95
CA LEU A 206 -6.42 -0.08 -26.72
C LEU A 206 -6.72 -1.49 -26.19
N LYS A 207 -7.97 -1.92 -26.26
CA LYS A 207 -8.34 -3.24 -25.76
C LYS A 207 -7.79 -4.38 -26.60
N THR A 208 -7.49 -4.16 -27.88
CA THR A 208 -6.81 -5.15 -28.68
C THR A 208 -5.30 -5.02 -28.61
N LEU A 209 -4.78 -3.87 -28.18
CA LEU A 209 -3.39 -3.82 -27.76
C LEU A 209 -3.15 -4.53 -26.43
N MET A 210 -4.19 -4.60 -25.58
CA MET A 210 -4.04 -5.24 -24.27
C MET A 210 -3.97 -6.76 -24.37
N ILE A 211 -4.81 -7.37 -25.21
CA ILE A 211 -4.92 -8.83 -25.26
C ILE A 211 -4.14 -9.45 -26.41
N ARG A 212 -3.86 -8.71 -27.48
CA ARG A 212 -2.94 -9.13 -28.53
C ARG A 212 -3.38 -10.45 -29.18
N ASP A 213 -4.66 -10.52 -29.57
CA ASP A 213 -5.17 -11.69 -30.28
C ASP A 213 -6.42 -11.28 -31.05
N TRP A 214 -6.60 -11.88 -32.24
CA TRP A 214 -7.77 -11.55 -33.04
C TRP A 214 -9.00 -12.31 -32.57
N TRP A 215 -8.92 -13.64 -32.49
CA TRP A 215 -10.08 -14.45 -32.17
C TRP A 215 -10.61 -14.13 -30.78
N MET A 216 -9.73 -13.99 -29.79
CA MET A 216 -10.17 -13.65 -28.44
C MET A 216 -10.83 -12.28 -28.41
N CYS A 217 -10.27 -11.32 -29.14
CA CYS A 217 -10.84 -9.97 -29.16
C CYS A 217 -12.23 -9.97 -29.78
N MET A 218 -12.39 -10.66 -30.92
CA MET A 218 -13.69 -10.68 -31.58
C MET A 218 -14.71 -11.45 -30.75
N ILE A 219 -14.29 -12.52 -30.09
CA ILE A 219 -15.24 -13.27 -29.25
C ILE A 219 -15.64 -12.44 -28.04
N ILE A 220 -14.72 -11.66 -27.48
CA ILE A 220 -15.06 -10.79 -26.35
C ILE A 220 -16.05 -9.73 -26.80
N SER A 221 -15.81 -9.11 -27.95
CA SER A 221 -16.73 -8.10 -28.45
C SER A 221 -18.13 -8.68 -28.70
N VAL A 222 -18.19 -9.84 -29.36
CA VAL A 222 -19.48 -10.45 -29.66
C VAL A 222 -20.21 -10.85 -28.38
N MET A 223 -19.49 -11.43 -27.42
CA MET A 223 -20.12 -11.83 -26.16
C MET A 223 -20.62 -10.61 -25.41
N PHE A 224 -19.86 -9.51 -25.41
CA PHE A 224 -20.29 -8.31 -24.72
C PHE A 224 -21.53 -7.71 -25.39
N GLU A 225 -21.60 -7.77 -26.71
CA GLU A 225 -22.78 -7.23 -27.39
C GLU A 225 -24.02 -8.08 -27.10
N PHE A 226 -23.86 -9.41 -27.09
CA PHE A 226 -24.99 -10.26 -26.71
C PHE A 226 -25.41 -9.98 -25.26
N LEU A 227 -24.44 -9.79 -24.37
CA LEU A 227 -24.75 -9.47 -22.98
C LEU A 227 -25.48 -8.14 -22.87
N GLU A 228 -25.06 -7.15 -23.66
CA GLU A 228 -25.72 -5.85 -23.66
C GLU A 228 -27.17 -5.97 -24.14
N TYR A 229 -27.38 -6.77 -25.19
CA TYR A 229 -28.75 -6.97 -25.67
C TYR A 229 -29.60 -7.67 -24.61
N SER A 230 -29.03 -8.64 -23.92
CA SER A 230 -29.77 -9.32 -22.85
C SER A 230 -29.93 -8.44 -21.62
N LEU A 231 -29.16 -7.35 -21.53
CA LEU A 231 -29.16 -6.47 -20.37
C LEU A 231 -30.13 -5.30 -20.53
N GLU A 232 -30.91 -5.27 -21.61
CA GLU A 232 -31.71 -4.10 -21.91
C GLU A 232 -32.86 -3.91 -20.91
N HIS A 233 -33.50 -4.99 -20.49
CA HIS A 233 -34.70 -4.84 -19.67
C HIS A 233 -34.37 -4.81 -18.18
N GLN A 234 -33.15 -5.23 -17.80
CA GLN A 234 -32.70 -5.13 -16.42
C GLN A 234 -31.96 -3.83 -16.15
N LEU A 235 -31.87 -2.95 -17.14
CA LEU A 235 -31.29 -1.62 -16.95
C LEU A 235 -31.89 -0.70 -18.02
N PRO A 236 -32.85 0.16 -17.64
CA PRO A 236 -33.70 0.81 -18.66
C PRO A 236 -32.95 1.74 -19.61
N ASN A 237 -31.77 2.25 -19.26
CA ASN A 237 -31.10 3.21 -20.14
C ASN A 237 -30.67 2.55 -21.46
N PHE A 238 -30.47 1.23 -21.45
CA PHE A 238 -30.13 0.51 -22.67
C PHE A 238 -31.25 0.59 -23.69
N SER A 239 -31.00 1.27 -24.80
CA SER A 239 -31.96 1.34 -25.91
C SER A 239 -31.18 1.63 -27.17
N GLU A 240 -31.02 0.63 -28.03
CA GLU A 240 -30.27 0.77 -29.27
C GLU A 240 -30.98 -0.01 -30.36
N CYS A 241 -31.08 0.59 -31.55
CA CYS A 241 -31.63 -0.13 -32.68
C CYS A 241 -30.63 -1.17 -33.18
N TRP A 242 -31.13 -2.12 -33.97
CA TRP A 242 -30.28 -3.22 -34.44
C TRP A 242 -29.16 -2.69 -35.32
N TRP A 243 -29.45 -1.72 -36.19
CA TRP A 243 -28.39 -1.12 -36.99
C TRP A 243 -27.38 -0.40 -36.10
N ASP A 244 -27.85 0.35 -35.11
CA ASP A 244 -26.94 1.02 -34.19
C ASP A 244 -26.18 0.01 -33.34
N HIS A 245 -26.83 -1.10 -33.01
CA HIS A 245 -26.15 -2.17 -32.27
C HIS A 245 -24.98 -2.74 -33.07
N TRP A 246 -25.22 -3.11 -34.33
CA TRP A 246 -24.22 -3.86 -35.08
C TRP A 246 -23.40 -2.98 -36.01
N ILE A 247 -24.03 -2.31 -36.98
CA ILE A 247 -23.27 -1.58 -38.00
C ILE A 247 -22.51 -0.42 -37.36
N MET A 248 -23.09 0.18 -36.33
CA MET A 248 -22.49 1.38 -35.75
C MET A 248 -21.42 1.04 -34.72
N ASP A 249 -21.50 -0.16 -34.11
CA ASP A 249 -20.56 -0.53 -33.06
C ASP A 249 -19.66 -1.70 -33.45
N VAL A 250 -20.24 -2.87 -33.74
CA VAL A 250 -19.42 -4.05 -34.01
C VAL A 250 -18.70 -3.90 -35.34
N LEU A 251 -19.41 -3.40 -36.35
CA LEU A 251 -18.77 -3.16 -37.65
C LEU A 251 -17.65 -2.14 -37.52
N VAL A 252 -17.89 -1.05 -36.80
CA VAL A 252 -16.88 0.01 -36.70
C VAL A 252 -15.67 -0.50 -35.93
N CYS A 253 -15.88 -1.25 -34.85
CA CYS A 253 -14.74 -1.74 -34.07
C CYS A 253 -13.87 -2.68 -34.90
N ASN A 254 -14.48 -3.71 -35.49
CA ASN A 254 -13.72 -4.66 -36.28
C ASN A 254 -13.06 -3.99 -37.48
N GLY A 255 -13.76 -3.07 -38.15
CA GLY A 255 -13.21 -2.44 -39.33
C GLY A 255 -12.05 -1.51 -39.02
N LEU A 256 -12.14 -0.76 -37.92
CA LEU A 256 -11.15 0.28 -37.65
C LEU A 256 -10.31 -0.03 -36.42
N GLY A 257 -10.91 -0.22 -35.24
CA GLY A 257 -10.12 -0.31 -34.02
C GLY A 257 -9.31 -1.59 -33.94
N ILE A 258 -9.97 -2.74 -34.12
CA ILE A 258 -9.27 -4.02 -34.06
C ILE A 258 -8.26 -4.13 -35.19
N TYR A 259 -8.66 -3.69 -36.39
CA TYR A 259 -7.75 -3.78 -37.53
C TYR A 259 -6.53 -2.89 -37.32
N CYS A 260 -6.71 -1.68 -36.79
CA CYS A 260 -5.58 -0.80 -36.54
C CYS A 260 -4.70 -1.33 -35.41
N GLY A 261 -5.30 -1.95 -34.40
CA GLY A 261 -4.51 -2.57 -33.35
C GLY A 261 -3.65 -3.70 -33.88
N MET A 262 -4.22 -4.56 -34.72
CA MET A 262 -3.44 -5.65 -35.29
C MET A 262 -2.38 -5.11 -36.25
N LYS A 263 -2.70 -4.07 -37.00
CA LYS A 263 -1.71 -3.45 -37.87
C LYS A 263 -0.56 -2.86 -37.06
N THR A 264 -0.86 -2.22 -35.94
CA THR A 264 0.19 -1.68 -35.08
C THR A 264 1.04 -2.79 -34.48
N LEU A 265 0.41 -3.89 -34.05
CA LEU A 265 1.17 -5.00 -33.51
C LEU A 265 2.10 -5.59 -34.57
N GLU A 266 1.61 -5.76 -35.80
CA GLU A 266 2.46 -6.28 -36.86
C GLU A 266 3.58 -5.30 -37.20
N TRP A 267 3.28 -4.00 -37.24
CA TRP A 267 4.27 -3.01 -37.63
C TRP A 267 5.38 -2.89 -36.60
N LEU A 268 5.02 -2.91 -35.31
CA LEU A 268 6.00 -2.71 -34.25
C LEU A 268 6.50 -4.02 -33.65
N SER A 269 6.08 -5.16 -34.22
CA SER A 269 6.67 -6.44 -33.91
C SER A 269 7.68 -6.88 -34.97
N LEU A 270 7.84 -6.09 -36.03
CA LEU A 270 8.86 -6.32 -37.06
C LEU A 270 9.93 -5.23 -37.01
N LYS A 271 10.29 -4.80 -35.79
CA LYS A 271 11.23 -3.71 -35.59
C LYS A 271 12.43 -4.21 -34.81
N THR A 272 13.57 -3.56 -35.04
CA THR A 272 14.81 -3.86 -34.33
C THR A 272 14.94 -2.90 -33.16
N TYR A 273 14.98 -3.46 -31.96
CA TYR A 273 14.99 -2.66 -30.73
C TYR A 273 16.43 -2.51 -30.25
N LYS A 274 17.13 -1.51 -30.79
CA LYS A 274 18.48 -1.16 -30.37
C LYS A 274 18.49 0.30 -29.96
N TRP A 275 18.84 0.57 -28.71
CA TRP A 275 18.78 1.90 -28.14
C TRP A 275 20.14 2.29 -27.56
N GLN A 276 20.41 3.59 -27.56
CA GLN A 276 21.66 4.13 -27.03
C GLN A 276 21.33 5.42 -26.28
N GLY A 277 22.38 6.13 -25.86
CA GLY A 277 22.20 7.31 -25.05
C GLY A 277 21.60 8.47 -25.82
N LEU A 278 21.09 9.44 -25.07
CA LEU A 278 20.49 10.63 -25.65
C LEU A 278 21.53 11.63 -26.15
N TRP A 279 22.78 11.50 -25.71
CA TRP A 279 23.83 12.42 -26.14
C TRP A 279 24.82 11.80 -27.12
N ASN A 280 24.73 10.50 -27.37
CA ASN A 280 25.58 9.84 -28.36
C ASN A 280 24.92 9.76 -29.73
N ILE A 281 23.68 10.23 -29.86
CA ILE A 281 22.94 10.17 -31.12
C ILE A 281 23.41 11.29 -32.04
N PRO A 282 23.10 11.24 -33.35
CA PRO A 282 23.46 12.34 -34.24
C PRO A 282 22.70 13.62 -33.94
N THR A 283 22.85 14.61 -34.83
CA THR A 283 22.33 15.96 -34.60
C THR A 283 20.80 15.94 -34.56
N TYR A 284 20.22 17.14 -34.47
CA TYR A 284 18.82 17.36 -34.10
C TYR A 284 17.82 16.40 -34.74
N LYS A 285 18.12 15.90 -35.93
CA LYS A 285 17.30 14.85 -36.52
C LYS A 285 17.28 13.61 -35.63
N GLY A 286 18.46 13.13 -35.24
CA GLY A 286 18.54 12.01 -34.32
C GLY A 286 17.99 12.33 -32.95
N LYS A 287 18.17 13.58 -32.50
CA LYS A 287 17.60 14.00 -31.22
C LYS A 287 16.09 13.86 -31.22
N MET A 288 15.44 14.39 -32.26
CA MET A 288 13.99 14.28 -32.37
C MET A 288 13.56 12.82 -32.53
N LYS A 289 14.33 12.04 -33.29
CA LYS A 289 14.02 10.62 -33.44
C LYS A 289 14.02 9.91 -32.09
N ARG A 290 15.06 10.13 -31.28
CA ARG A 290 15.13 9.50 -29.97
C ARG A 290 14.03 10.00 -29.05
N ILE A 291 13.74 11.30 -29.08
CA ILE A 291 12.68 11.84 -28.22
C ILE A 291 11.34 11.21 -28.57
N ALA A 292 11.04 11.08 -29.86
CA ALA A 292 9.78 10.47 -30.29
C ALA A 292 9.73 8.99 -29.95
N PHE A 293 10.83 8.27 -30.19
CA PHE A 293 10.85 6.83 -30.01
C PHE A 293 11.03 6.40 -28.56
N GLN A 294 11.33 7.33 -27.65
CA GLN A 294 11.41 6.95 -26.24
C GLN A 294 10.08 6.45 -25.70
N PHE A 295 8.97 6.89 -26.30
CA PHE A 295 7.65 6.46 -25.86
C PHE A 295 7.13 5.25 -26.65
N THR A 296 7.96 4.68 -27.51
CA THR A 296 7.72 3.42 -28.18
C THR A 296 8.20 2.27 -27.31
N PRO A 297 7.59 1.09 -27.39
CA PRO A 297 7.88 0.06 -26.38
C PRO A 297 9.27 -0.54 -26.53
N TYR A 298 9.80 -1.01 -25.40
CA TYR A 298 11.13 -1.61 -25.38
C TYR A 298 11.20 -2.82 -26.30
N SER A 299 10.47 -3.87 -25.96
CA SER A 299 10.35 -5.08 -26.77
C SER A 299 9.23 -5.93 -26.18
N TRP A 300 8.31 -6.37 -27.03
CA TRP A 300 7.16 -7.13 -26.56
C TRP A 300 7.20 -8.56 -27.11
N VAL A 301 6.46 -9.43 -26.43
CA VAL A 301 6.22 -10.79 -26.87
C VAL A 301 4.71 -10.94 -27.03
N ARG A 302 4.26 -11.11 -28.28
CA ARG A 302 2.83 -11.19 -28.55
C ARG A 302 2.25 -12.46 -27.94
N PHE A 303 1.14 -12.32 -27.23
CA PHE A 303 0.52 -13.46 -26.59
C PHE A 303 -0.12 -14.37 -27.64
N GLU A 304 -0.14 -15.67 -27.35
CA GLU A 304 -0.75 -16.67 -28.23
C GLU A 304 -1.57 -17.63 -27.36
N TRP A 305 -2.87 -17.34 -27.24
CA TRP A 305 -3.76 -18.13 -26.41
C TRP A 305 -4.30 -19.34 -27.16
N LYS A 306 -3.62 -20.49 -27.02
CA LYS A 306 -4.11 -21.72 -27.62
C LYS A 306 -4.88 -22.52 -26.58
N PRO A 307 -6.22 -22.43 -26.56
CA PRO A 307 -6.97 -23.05 -25.45
C PRO A 307 -7.22 -24.54 -25.63
N ALA A 308 -7.14 -25.03 -26.86
CA ALA A 308 -7.47 -26.43 -27.14
C ALA A 308 -6.21 -27.29 -27.06
N SER A 309 -5.62 -27.32 -25.87
CA SER A 309 -4.47 -28.17 -25.62
C SER A 309 -4.64 -28.94 -24.32
N SER A 310 -5.38 -28.37 -23.38
CA SER A 310 -5.61 -29.00 -22.08
C SER A 310 -6.98 -28.55 -21.57
N LEU A 311 -7.24 -28.79 -20.29
CA LEU A 311 -8.48 -28.35 -19.65
C LEU A 311 -8.28 -27.14 -18.74
N ARG A 312 -7.19 -27.14 -17.95
CA ARG A 312 -6.90 -25.99 -17.11
C ARG A 312 -6.67 -24.73 -17.95
N ARG A 313 -5.96 -24.88 -19.07
CA ARG A 313 -5.70 -23.73 -19.93
C ARG A 313 -7.00 -23.20 -20.55
N TRP A 314 -7.87 -24.11 -20.99
CA TRP A 314 -9.16 -23.70 -21.54
C TRP A 314 -10.01 -22.98 -20.49
N LEU A 315 -10.03 -23.50 -19.27
CA LEU A 315 -10.79 -22.86 -18.21
C LEU A 315 -10.17 -21.51 -17.83
N ALA A 316 -8.84 -21.38 -17.94
CA ALA A 316 -8.21 -20.09 -17.68
C ALA A 316 -8.57 -19.06 -18.74
N VAL A 317 -8.62 -19.48 -20.00
CA VAL A 317 -9.05 -18.57 -21.06
C VAL A 317 -10.50 -18.16 -20.86
N CYS A 318 -11.36 -19.12 -20.49
CA CYS A 318 -12.74 -18.80 -20.18
C CYS A 318 -12.83 -17.83 -19.01
N GLY A 319 -12.00 -18.01 -18.00
CA GLY A 319 -12.02 -17.12 -16.85
C GLY A 319 -11.61 -15.70 -17.19
N ILE A 320 -10.55 -15.56 -17.99
CA ILE A 320 -10.12 -14.20 -18.35
C ILE A 320 -11.16 -13.54 -19.25
N ILE A 321 -11.81 -14.32 -20.13
CA ILE A 321 -12.89 -13.76 -20.93
C ILE A 321 -14.04 -13.31 -20.04
N LEU A 322 -14.37 -14.11 -19.03
CA LEU A 322 -15.44 -13.75 -18.10
C LEU A 322 -15.10 -12.48 -17.33
N VAL A 323 -13.85 -12.34 -16.88
CA VAL A 323 -13.43 -11.13 -16.18
C VAL A 323 -13.52 -9.93 -17.11
N PHE A 324 -13.11 -10.09 -18.37
CA PHE A 324 -13.19 -9.00 -19.32
C PHE A 324 -14.64 -8.57 -19.55
N LEU A 325 -15.56 -9.53 -19.64
CA LEU A 325 -16.97 -9.19 -19.79
C LEU A 325 -17.51 -8.49 -18.55
N LEU A 326 -17.18 -9.01 -17.36
CA LEU A 326 -17.66 -8.43 -16.12
C LEU A 326 -17.13 -7.01 -15.92
N ALA A 327 -15.94 -6.72 -16.44
CA ALA A 327 -15.40 -5.37 -16.32
C ALA A 327 -16.34 -4.35 -16.97
N GLU A 328 -16.76 -4.61 -18.20
CA GLU A 328 -17.65 -3.69 -18.89
C GLU A 328 -19.05 -3.71 -18.28
N LEU A 329 -19.54 -4.90 -17.90
CA LEU A 329 -20.85 -4.99 -17.26
C LEU A 329 -20.91 -4.11 -16.02
N ASN A 330 -19.95 -4.26 -15.12
CA ASN A 330 -19.96 -3.45 -13.91
C ASN A 330 -19.53 -2.03 -14.15
N THR A 331 -18.83 -1.73 -15.25
CA THR A 331 -18.62 -0.34 -15.62
C THR A 331 -19.95 0.36 -15.85
N PHE A 332 -20.80 -0.23 -16.70
CA PHE A 332 -22.10 0.38 -16.96
C PHE A 332 -22.97 0.39 -15.70
N TYR A 333 -22.99 -0.72 -14.96
CA TYR A 333 -23.87 -0.78 -13.79
C TYR A 333 -23.37 0.13 -12.68
N LEU A 334 -22.07 0.40 -12.61
CA LEU A 334 -21.55 1.33 -11.62
C LEU A 334 -21.89 2.77 -11.99
N LYS A 335 -21.71 3.12 -13.27
CA LYS A 335 -22.13 4.45 -13.68
C LYS A 335 -23.63 4.64 -13.53
N PHE A 336 -24.41 3.56 -13.49
CA PHE A 336 -25.85 3.69 -13.28
C PHE A 336 -26.22 3.79 -11.80
N VAL A 337 -25.77 2.82 -10.99
CA VAL A 337 -26.33 2.65 -9.64
C VAL A 337 -25.79 3.66 -8.64
N LEU A 338 -24.58 4.18 -8.82
CA LEU A 338 -24.02 5.16 -7.90
C LEU A 338 -24.50 6.57 -8.20
N TRP A 339 -25.48 6.71 -9.09
CA TRP A 339 -26.10 8.00 -9.43
C TRP A 339 -25.07 8.99 -10.00
N MET A 340 -24.13 8.47 -10.77
CA MET A 340 -23.22 9.41 -11.44
C MET A 340 -23.63 9.59 -12.90
N PRO A 341 -23.60 10.81 -13.41
CA PRO A 341 -23.89 11.02 -14.84
C PRO A 341 -22.82 10.40 -15.71
N PRO A 342 -23.17 9.97 -16.92
CA PRO A 342 -22.16 9.33 -17.79
C PRO A 342 -20.98 10.23 -18.10
N GLU A 343 -21.20 11.54 -18.23
CA GLU A 343 -20.14 12.47 -18.59
C GLU A 343 -19.35 12.98 -17.38
N HIS A 344 -19.58 12.48 -16.16
CA HIS A 344 -18.80 12.92 -15.03
C HIS A 344 -17.35 12.50 -15.18
N TYR A 345 -16.44 13.34 -14.66
CA TYR A 345 -15.01 13.06 -14.82
C TYR A 345 -14.57 11.80 -14.09
N LEU A 346 -15.34 11.35 -13.10
CA LEU A 346 -15.00 10.11 -12.41
C LEU A 346 -15.07 8.91 -13.34
N VAL A 347 -16.07 8.88 -14.22
CA VAL A 347 -16.19 7.78 -15.17
C VAL A 347 -15.01 7.76 -16.14
N LEU A 348 -14.60 8.94 -16.63
CA LEU A 348 -13.48 8.99 -17.55
C LEU A 348 -12.17 8.60 -16.86
N LEU A 349 -11.98 9.05 -15.62
CA LEU A 349 -10.80 8.63 -14.87
C LEU A 349 -10.79 7.12 -14.67
N ARG A 350 -11.95 6.54 -14.36
CA ARG A 350 -12.05 5.10 -14.19
C ARG A 350 -11.71 4.38 -15.50
N LEU A 351 -12.19 4.91 -16.63
CA LEU A 351 -11.89 4.29 -17.92
C LEU A 351 -10.40 4.31 -18.22
N VAL A 352 -9.74 5.45 -18.00
CA VAL A 352 -8.31 5.54 -18.27
C VAL A 352 -7.53 4.59 -17.36
N PHE A 353 -7.86 4.60 -16.06
CA PHE A 353 -7.19 3.72 -15.12
C PHE A 353 -7.39 2.26 -15.52
N PHE A 354 -8.61 1.89 -15.92
CA PHE A 354 -8.87 0.51 -16.28
C PHE A 354 -8.13 0.12 -17.55
N VAL A 355 -8.00 1.04 -18.51
CA VAL A 355 -7.23 0.74 -19.70
C VAL A 355 -5.80 0.38 -19.34
N ASN A 356 -5.16 1.24 -18.54
CA ASN A 356 -3.75 1.00 -18.20
C ASN A 356 -3.59 -0.27 -17.35
N VAL A 357 -4.41 -0.38 -16.31
CA VAL A 357 -4.28 -1.51 -15.38
C VAL A 357 -4.64 -2.81 -16.09
N GLY A 358 -5.58 -2.79 -17.02
CA GLY A 358 -5.94 -3.96 -17.78
C GLY A 358 -4.83 -4.42 -18.69
N GLY A 359 -4.15 -3.49 -19.36
CA GLY A 359 -3.00 -3.88 -20.15
C GLY A 359 -1.92 -4.55 -19.32
N VAL A 360 -1.57 -3.93 -18.19
CA VAL A 360 -0.51 -4.49 -17.35
C VAL A 360 -0.92 -5.86 -16.79
N ALA A 361 -2.14 -5.96 -16.28
CA ALA A 361 -2.61 -7.20 -15.70
C ALA A 361 -2.77 -8.30 -16.75
N MET A 362 -3.08 -7.90 -17.99
CA MET A 362 -3.22 -8.89 -19.05
C MET A 362 -1.87 -9.50 -19.39
N ARG A 363 -0.83 -8.66 -19.49
CA ARG A 363 0.51 -9.23 -19.65
C ARG A 363 0.87 -10.11 -18.46
N GLU A 364 0.56 -9.68 -17.24
CA GLU A 364 0.94 -10.46 -16.06
C GLU A 364 0.25 -11.82 -16.05
N ILE A 365 -1.04 -11.86 -16.40
CA ILE A 365 -1.75 -13.13 -16.40
C ILE A 365 -1.26 -14.03 -17.53
N TYR A 366 -0.90 -13.46 -18.69
CA TYR A 366 -0.29 -14.31 -19.71
C TYR A 366 1.02 -14.91 -19.22
N ASP A 367 1.85 -14.10 -18.55
CA ASP A 367 3.12 -14.61 -18.04
C ASP A 367 2.89 -15.72 -17.02
N PHE A 368 1.91 -15.55 -16.14
CA PHE A 368 1.59 -16.60 -15.18
C PHE A 368 1.10 -17.86 -15.89
N MET A 369 0.31 -17.70 -16.95
CA MET A 369 -0.30 -18.85 -17.61
C MET A 369 0.71 -19.63 -18.45
N ASP A 370 1.70 -18.94 -19.01
CA ASP A 370 2.64 -19.58 -19.93
C ASP A 370 3.87 -20.16 -19.25
N ASP A 371 4.00 -20.03 -17.94
CA ASP A 371 5.23 -20.46 -17.26
C ASP A 371 5.36 -21.98 -17.31
N PRO A 372 6.59 -22.50 -17.42
CA PRO A 372 6.81 -23.94 -17.27
C PRO A 372 7.15 -24.39 -15.86
N LYS A 373 7.51 -23.46 -14.97
CA LYS A 373 7.93 -23.82 -13.63
C LYS A 373 6.78 -24.38 -12.82
N PRO A 374 7.05 -25.28 -11.86
CA PRO A 374 5.95 -25.95 -11.15
C PRO A 374 5.05 -25.01 -10.36
N HIS A 375 5.59 -23.94 -9.77
CA HIS A 375 4.77 -23.06 -8.94
C HIS A 375 5.24 -21.62 -9.13
N LYS A 376 4.35 -20.78 -9.63
CA LYS A 376 4.61 -19.36 -9.79
C LYS A 376 3.45 -18.56 -9.22
N LYS A 377 3.78 -17.46 -8.54
CA LYS A 377 2.78 -16.58 -7.96
C LYS A 377 2.32 -15.58 -9.01
N LEU A 378 1.00 -15.41 -9.12
CA LEU A 378 0.44 -14.44 -10.05
C LEU A 378 0.87 -13.03 -9.65
N GLY A 379 1.18 -12.21 -10.66
CA GLY A 379 1.61 -10.86 -10.42
C GLY A 379 0.58 -10.04 -9.68
N PRO A 380 1.02 -9.04 -8.92
CA PRO A 380 0.08 -8.25 -8.11
C PRO A 380 -0.94 -7.49 -8.94
N GLN A 381 -0.63 -7.14 -10.19
CA GLN A 381 -1.56 -6.32 -10.96
C GLN A 381 -2.80 -7.12 -11.36
N ALA A 382 -2.62 -8.37 -11.80
CA ALA A 382 -3.77 -9.21 -12.11
C ALA A 382 -4.61 -9.49 -10.88
N TRP A 383 -3.95 -9.74 -9.75
CA TRP A 383 -4.66 -9.94 -8.49
C TRP A 383 -5.50 -8.71 -8.15
N LEU A 384 -4.92 -7.52 -8.29
CA LEU A 384 -5.64 -6.29 -7.96
C LEU A 384 -6.80 -6.05 -8.92
N VAL A 385 -6.61 -6.33 -10.20
CA VAL A 385 -7.70 -6.15 -11.16
C VAL A 385 -8.85 -7.09 -10.86
N ALA A 386 -8.53 -8.36 -10.55
CA ALA A 386 -9.59 -9.31 -10.19
C ALA A 386 -10.31 -8.88 -8.92
N ALA A 387 -9.57 -8.39 -7.93
CA ALA A 387 -10.19 -7.93 -6.69
C ALA A 387 -11.10 -6.73 -6.94
N ILE A 388 -10.65 -5.77 -7.77
CA ILE A 388 -11.46 -4.61 -8.07
C ILE A 388 -12.73 -5.01 -8.81
N THR A 389 -12.60 -5.93 -9.78
CA THR A 389 -13.78 -6.38 -10.51
C THR A 389 -14.77 -7.08 -9.58
N ALA A 390 -14.28 -7.94 -8.69
CA ALA A 390 -15.17 -8.61 -7.75
C ALA A 390 -15.87 -7.61 -6.83
N THR A 391 -15.12 -6.62 -6.33
CA THR A 391 -15.70 -5.63 -5.44
C THR A 391 -16.76 -4.80 -6.15
N GLU A 392 -16.48 -4.40 -7.40
CA GLU A 392 -17.46 -3.64 -8.16
C GLU A 392 -18.71 -4.46 -8.41
N LEU A 393 -18.56 -5.74 -8.76
CA LEU A 393 -19.72 -6.59 -8.97
C LEU A 393 -20.54 -6.73 -7.69
N LEU A 394 -19.87 -6.88 -6.55
CA LEU A 394 -20.59 -7.00 -5.28
C LEU A 394 -21.31 -5.70 -4.95
N ILE A 395 -20.70 -4.56 -5.22
CA ILE A 395 -21.37 -3.27 -5.00
C ILE A 395 -22.63 -3.19 -5.86
N VAL A 396 -22.50 -3.57 -7.14
CA VAL A 396 -23.64 -3.53 -8.04
C VAL A 396 -24.77 -4.42 -7.55
N VAL A 397 -24.42 -5.63 -7.11
CA VAL A 397 -25.44 -6.55 -6.60
C VAL A 397 -26.10 -5.99 -5.35
N LYS A 398 -25.32 -5.41 -4.44
CA LYS A 398 -25.87 -4.92 -3.18
C LYS A 398 -26.79 -3.72 -3.39
N TYR A 399 -26.34 -2.72 -4.15
CA TYR A 399 -27.02 -1.43 -4.13
C TYR A 399 -28.38 -1.49 -4.79
N ASP A 400 -28.49 -2.13 -5.96
CA ASP A 400 -29.76 -2.23 -6.69
C ASP A 400 -30.00 -3.67 -7.08
N PRO A 401 -30.47 -4.49 -6.14
CA PRO A 401 -30.76 -5.89 -6.47
C PRO A 401 -32.13 -6.06 -7.13
N HIS A 402 -33.07 -5.18 -6.81
CA HIS A 402 -34.41 -5.29 -7.37
C HIS A 402 -34.40 -5.12 -8.89
N THR A 403 -33.62 -4.16 -9.39
CA THR A 403 -33.55 -3.95 -10.83
C THR A 403 -32.76 -5.06 -11.51
N LEU A 404 -31.73 -5.59 -10.85
CA LEU A 404 -30.89 -6.63 -11.44
C LEU A 404 -31.56 -8.00 -11.44
N THR A 405 -32.50 -8.24 -10.53
CA THR A 405 -33.10 -9.56 -10.38
C THR A 405 -34.27 -9.80 -11.33
N LEU A 406 -34.57 -8.86 -12.22
CA LEU A 406 -35.64 -9.06 -13.18
C LEU A 406 -35.35 -10.27 -14.06
N SER A 407 -36.40 -11.07 -14.30
CA SER A 407 -36.26 -12.28 -15.09
C SER A 407 -35.97 -11.94 -16.54
N LEU A 408 -35.05 -12.70 -17.14
CA LEU A 408 -34.66 -12.46 -18.52
C LEU A 408 -35.80 -12.80 -19.47
N PRO A 409 -35.87 -12.15 -20.63
CA PRO A 409 -36.92 -12.47 -21.61
C PRO A 409 -36.83 -13.92 -22.05
N PHE A 410 -38.00 -14.53 -22.26
CA PHE A 410 -38.04 -15.95 -22.62
C PHE A 410 -37.40 -16.20 -23.98
N TYR A 411 -37.68 -15.34 -24.96
CA TYR A 411 -37.19 -15.58 -26.32
C TYR A 411 -35.68 -15.48 -26.41
N ILE A 412 -35.05 -14.69 -25.53
CA ILE A 412 -33.59 -14.64 -25.51
C ILE A 412 -33.02 -15.66 -24.54
N SER A 413 -33.79 -16.03 -23.51
CA SER A 413 -33.34 -17.08 -22.60
C SER A 413 -33.23 -18.41 -23.32
N GLN A 414 -34.13 -18.69 -24.26
CA GLN A 414 -34.01 -19.89 -25.07
C GLN A 414 -32.70 -19.89 -25.87
N CYS A 415 -32.34 -18.74 -26.45
CA CYS A 415 -31.09 -18.64 -27.19
C CYS A 415 -29.89 -18.85 -26.28
N TRP A 416 -29.95 -18.29 -25.06
CA TRP A 416 -28.84 -18.49 -24.11
C TRP A 416 -28.71 -19.95 -23.71
N THR A 417 -29.83 -20.63 -23.48
CA THR A 417 -29.78 -22.05 -23.16
C THR A 417 -29.24 -22.86 -24.33
N LEU A 418 -29.62 -22.50 -25.56
CA LEU A 418 -29.09 -23.18 -26.73
C LEU A 418 -27.58 -22.99 -26.83
N GLY A 419 -27.11 -21.77 -26.57
CA GLY A 419 -25.66 -21.54 -26.57
C GLY A 419 -24.95 -22.33 -25.50
N SER A 420 -25.54 -22.41 -24.30
CA SER A 420 -24.93 -23.17 -23.21
C SER A 420 -24.84 -24.65 -23.55
N VAL A 421 -25.93 -25.22 -24.11
CA VAL A 421 -25.91 -26.64 -24.45
C VAL A 421 -24.96 -26.89 -25.61
N LEU A 422 -24.84 -25.93 -26.54
CA LEU A 422 -23.87 -26.06 -27.61
C LEU A 422 -22.45 -26.08 -27.06
N ALA A 423 -22.16 -25.22 -26.08
CA ALA A 423 -20.84 -25.24 -25.45
C ALA A 423 -20.58 -26.56 -24.74
N LEU A 424 -21.60 -27.09 -24.05
CA LEU A 424 -21.45 -28.38 -23.37
C LEU A 424 -21.18 -29.49 -24.37
N THR A 425 -21.88 -29.48 -25.51
CA THR A 425 -21.63 -30.47 -26.55
C THR A 425 -20.23 -30.33 -27.13
N TRP A 426 -19.76 -29.09 -27.32
CA TRP A 426 -18.39 -28.89 -27.79
C TRP A 426 -17.39 -29.46 -26.81
N THR A 427 -17.60 -29.24 -25.51
CA THR A 427 -16.69 -29.76 -24.50
C THR A 427 -16.69 -31.28 -24.49
N VAL A 428 -17.87 -31.90 -24.56
CA VAL A 428 -17.91 -33.37 -24.51
C VAL A 428 -17.32 -33.96 -25.79
N TRP A 429 -17.48 -33.26 -26.93
CA TRP A 429 -16.84 -33.72 -28.16
C TRP A 429 -15.33 -33.59 -28.07
N ARG A 430 -14.84 -32.53 -27.41
CA ARG A 430 -13.41 -32.40 -27.16
C ARG A 430 -12.89 -33.56 -26.32
N PHE A 431 -13.62 -33.90 -25.26
CA PHE A 431 -13.22 -35.05 -24.45
C PHE A 431 -13.26 -36.35 -25.25
N PHE A 432 -14.28 -36.51 -26.10
CA PHE A 432 -14.38 -37.71 -26.94
C PHE A 432 -13.19 -37.82 -27.88
N LEU A 433 -12.81 -36.71 -28.53
CA LEU A 433 -11.70 -36.75 -29.46
C LEU A 433 -10.38 -36.99 -28.74
N ARG A 434 -10.22 -36.41 -27.54
CA ARG A 434 -9.02 -36.69 -26.76
C ARG A 434 -8.96 -38.16 -26.36
N ASP A 435 -10.09 -38.75 -25.98
CA ASP A 435 -10.13 -40.17 -25.65
C ASP A 435 -9.77 -41.02 -26.86
N ILE A 436 -10.31 -40.68 -28.04
CA ILE A 436 -10.02 -41.45 -29.24
C ILE A 436 -8.55 -41.35 -29.59
N THR A 437 -7.99 -40.15 -29.53
CA THR A 437 -6.58 -39.93 -29.84
C THR A 437 -5.70 -40.34 -28.66
N THR B 58 5.20 -28.12 4.37
CA THR B 58 5.67 -26.92 3.67
C THR B 58 4.64 -26.42 2.67
N PHE B 59 3.40 -26.88 2.83
CA PHE B 59 2.33 -26.47 1.93
C PHE B 59 2.07 -24.97 2.02
N PHE B 60 2.04 -24.44 3.24
CA PHE B 60 1.73 -23.02 3.45
C PHE B 60 2.85 -22.10 2.98
N TRP B 61 4.06 -22.61 2.79
CA TRP B 61 5.19 -21.77 2.42
C TRP B 61 5.23 -21.44 0.93
N ARG B 62 4.43 -22.14 0.11
CA ARG B 62 4.31 -21.82 -1.31
C ARG B 62 2.87 -21.91 -1.77
N ALA B 63 1.92 -21.76 -0.84
CA ALA B 63 0.50 -21.92 -1.14
C ALA B 63 0.04 -20.87 -2.16
N HIS B 64 -1.14 -21.11 -2.72
CA HIS B 64 -1.64 -20.31 -3.83
C HIS B 64 -2.22 -19.00 -3.32
N THR B 65 -2.28 -18.01 -4.22
CA THR B 65 -2.82 -16.70 -3.91
C THR B 65 -4.23 -16.49 -4.45
N LEU B 66 -4.60 -17.17 -5.53
CA LEU B 66 -5.97 -17.08 -6.01
C LEU B 66 -6.93 -17.71 -5.03
N THR B 67 -6.48 -18.73 -4.28
CA THR B 67 -7.31 -19.27 -3.21
C THR B 67 -7.57 -18.22 -2.14
N VAL B 68 -6.54 -17.44 -1.79
CA VAL B 68 -6.72 -16.36 -0.83
C VAL B 68 -7.69 -15.32 -1.36
N LEU B 69 -7.56 -14.97 -2.64
CA LEU B 69 -8.48 -14.01 -3.24
C LEU B 69 -9.91 -14.52 -3.20
N PHE B 70 -10.11 -15.79 -3.53
CA PHE B 70 -11.45 -16.37 -3.50
C PHE B 70 -12.02 -16.36 -2.10
N ILE B 71 -11.21 -16.74 -1.10
CA ILE B 71 -11.69 -16.77 0.28
C ILE B 71 -12.08 -15.38 0.73
N LEU B 72 -11.23 -14.39 0.44
CA LEU B 72 -11.54 -13.01 0.83
C LEU B 72 -12.81 -12.52 0.16
N THR B 73 -12.95 -12.77 -1.15
CA THR B 73 -14.14 -12.32 -1.87
C THR B 73 -15.39 -12.97 -1.32
N CYS B 74 -15.36 -14.28 -1.08
CA CYS B 74 -16.53 -14.96 -0.53
C CYS B 74 -16.87 -14.44 0.85
N THR B 75 -15.86 -14.24 1.70
CA THR B 75 -16.11 -13.76 3.06
C THR B 75 -16.74 -12.37 3.06
N LEU B 76 -16.14 -11.44 2.31
CA LEU B 76 -16.68 -10.08 2.32
C LEU B 76 -18.04 -10.01 1.64
N GLY B 77 -18.24 -10.77 0.55
CA GLY B 77 -19.55 -10.81 -0.07
C GLY B 77 -20.62 -11.34 0.86
N TYR B 78 -20.32 -12.42 1.59
CA TYR B 78 -21.27 -12.95 2.55
C TYR B 78 -21.58 -11.93 3.63
N VAL B 79 -20.54 -11.36 4.24
CA VAL B 79 -20.74 -10.47 5.40
C VAL B 79 -21.42 -9.17 4.97
N THR B 80 -21.36 -8.83 3.68
CA THR B 80 -21.99 -7.60 3.23
C THR B 80 -23.42 -7.85 2.76
N LEU B 81 -23.64 -8.92 1.99
CA LEU B 81 -24.96 -9.14 1.39
C LEU B 81 -25.87 -9.95 2.31
N LEU B 82 -25.41 -11.12 2.77
CA LEU B 82 -26.31 -12.00 3.49
C LEU B 82 -26.65 -11.45 4.87
N GLU B 83 -25.80 -10.58 5.41
CA GLU B 83 -26.10 -9.90 6.67
C GLU B 83 -26.98 -8.69 6.36
N GLU B 84 -27.41 -7.98 7.40
CA GLU B 84 -28.25 -6.78 7.26
C GLU B 84 -27.43 -5.57 7.68
N THR B 85 -27.36 -4.58 6.80
CA THR B 85 -26.58 -3.38 7.11
C THR B 85 -27.33 -2.51 8.13
N PRO B 86 -26.69 -2.15 9.23
CA PRO B 86 -27.34 -1.28 10.22
C PRO B 86 -27.58 0.11 9.64
N GLN B 87 -28.64 0.75 10.14
CA GLN B 87 -29.12 2.02 9.61
C GLN B 87 -28.44 3.23 10.27
N ASP B 88 -27.25 3.06 10.81
CA ASP B 88 -26.51 4.16 11.42
C ASP B 88 -25.16 4.28 10.75
N THR B 89 -24.79 5.50 10.37
CA THR B 89 -23.54 5.72 9.65
C THR B 89 -22.32 5.70 10.56
N ALA B 90 -22.49 5.99 11.84
CA ALA B 90 -21.37 5.99 12.78
C ALA B 90 -20.73 4.62 12.95
N TYR B 91 -21.52 3.55 12.84
CA TYR B 91 -21.00 2.19 12.93
C TYR B 91 -20.51 1.70 11.56
N ASN B 92 -21.24 2.02 10.50
CA ASN B 92 -20.87 1.58 9.17
C ASN B 92 -19.57 2.22 8.69
N THR B 93 -19.30 3.47 9.07
CA THR B 93 -18.05 4.10 8.67
C THR B 93 -16.85 3.41 9.31
N LYS B 94 -16.93 3.11 10.61
CA LYS B 94 -15.87 2.37 11.27
C LYS B 94 -15.74 0.98 10.68
N ARG B 95 -16.86 0.32 10.38
CA ARG B 95 -16.82 -1.01 9.78
C ARG B 95 -16.13 -0.96 8.42
N GLY B 96 -16.44 0.04 7.61
CA GLY B 96 -15.80 0.16 6.30
C GLY B 96 -14.31 0.44 6.40
N ILE B 97 -13.92 1.31 7.33
CA ILE B 97 -12.49 1.60 7.51
C ILE B 97 -11.76 0.34 7.96
N VAL B 98 -12.33 -0.39 8.91
CA VAL B 98 -11.71 -1.63 9.39
C VAL B 98 -11.61 -2.65 8.27
N ALA B 99 -12.66 -2.78 7.45
CA ALA B 99 -12.64 -3.73 6.35
C ALA B 99 -11.59 -3.36 5.32
N SER B 100 -11.46 -2.06 5.00
CA SER B 100 -10.42 -1.64 4.07
C SER B 100 -9.04 -1.93 4.61
N ILE B 101 -8.82 -1.67 5.92
CA ILE B 101 -7.53 -1.97 6.52
C ILE B 101 -7.24 -3.46 6.46
N LEU B 102 -8.25 -4.30 6.75
CA LEU B 102 -8.06 -5.74 6.72
C LEU B 102 -7.73 -6.23 5.32
N VAL B 103 -8.43 -5.70 4.30
CA VAL B 103 -8.16 -6.14 2.94
C VAL B 103 -6.78 -5.69 2.47
N PHE B 104 -6.38 -4.47 2.86
CA PHE B 104 -5.03 -4.02 2.52
C PHE B 104 -3.99 -4.91 3.19
N LEU B 105 -4.23 -5.28 4.46
CA LEU B 105 -3.31 -6.18 5.15
C LEU B 105 -3.22 -7.52 4.44
N CYS B 106 -4.35 -8.07 4.02
CA CYS B 106 -4.36 -9.36 3.33
C CYS B 106 -3.60 -9.27 2.00
N PHE B 107 -3.89 -8.24 1.21
CA PHE B 107 -3.24 -8.09 -0.09
C PHE B 107 -1.73 -7.91 0.08
N GLY B 108 -1.31 -7.10 1.06
CA GLY B 108 0.10 -6.93 1.29
C GLY B 108 0.77 -8.20 1.77
N VAL B 109 0.13 -8.92 2.69
CA VAL B 109 0.70 -10.16 3.19
C VAL B 109 0.89 -11.15 2.06
N THR B 110 -0.07 -11.23 1.14
CA THR B 110 0.02 -12.23 0.08
C THR B 110 0.82 -11.76 -1.14
N GLN B 111 1.11 -10.45 -1.28
CA GLN B 111 1.72 -9.97 -2.51
C GLN B 111 2.81 -8.91 -2.32
N ALA B 112 3.35 -8.73 -1.11
CA ALA B 112 4.40 -7.75 -0.95
C ALA B 112 5.77 -8.40 -1.16
N LYS B 113 6.82 -7.58 -1.07
CA LYS B 113 8.18 -8.07 -1.26
C LYS B 113 8.72 -8.70 0.02
N ASP B 114 9.63 -9.65 -0.16
CA ASP B 114 10.24 -10.35 0.97
C ASP B 114 11.45 -9.57 1.46
N GLY B 115 11.49 -9.27 2.76
CA GLY B 115 12.59 -8.54 3.32
C GLY B 115 13.77 -9.44 3.62
N PRO B 116 14.84 -8.83 4.15
CA PRO B 116 16.02 -9.64 4.52
C PRO B 116 15.73 -10.71 5.55
N PHE B 117 14.73 -10.50 6.41
CA PHE B 117 14.36 -11.51 7.40
C PHE B 117 13.31 -12.45 6.81
N SER B 118 13.55 -13.75 6.98
CA SER B 118 12.66 -14.78 6.47
C SER B 118 11.96 -15.58 7.56
N ARG B 119 12.72 -16.17 8.48
CA ARG B 119 12.12 -16.96 9.53
C ARG B 119 11.37 -16.07 10.53
N PRO B 120 10.23 -16.53 11.07
CA PRO B 120 9.58 -17.83 10.86
C PRO B 120 8.81 -17.93 9.55
N HIS B 121 8.41 -16.81 8.97
CA HIS B 121 7.66 -16.78 7.72
C HIS B 121 7.71 -15.36 7.17
N PRO B 122 8.05 -15.19 5.89
CA PRO B 122 8.13 -13.82 5.33
C PRO B 122 6.80 -13.08 5.41
N ALA B 123 5.70 -13.81 5.53
CA ALA B 123 4.40 -13.18 5.70
C ALA B 123 4.34 -12.34 6.97
N TYR B 124 5.05 -12.74 8.03
CA TYR B 124 5.12 -11.96 9.26
C TYR B 124 5.69 -10.58 9.00
N TRP B 125 6.84 -10.52 8.31
CA TRP B 125 7.48 -9.24 8.06
C TRP B 125 6.72 -8.42 7.02
N ARG B 126 6.07 -9.08 6.07
CA ARG B 126 5.20 -8.36 5.14
C ARG B 126 4.03 -7.73 5.89
N PHE B 127 3.46 -8.46 6.85
CA PHE B 127 2.38 -7.92 7.67
C PHE B 127 2.85 -6.71 8.46
N TRP B 128 4.06 -6.77 9.02
CA TRP B 128 4.56 -5.61 9.75
C TRP B 128 4.86 -4.44 8.83
N LEU B 129 5.32 -4.70 7.61
CA LEU B 129 5.50 -3.62 6.64
C LEU B 129 4.17 -2.94 6.30
N CYS B 130 3.12 -3.73 6.11
CA CYS B 130 1.81 -3.16 5.82
C CYS B 130 1.28 -2.38 7.01
N VAL B 131 1.50 -2.87 8.22
CA VAL B 131 1.13 -2.12 9.42
C VAL B 131 1.87 -0.80 9.47
N SER B 132 3.14 -0.80 9.08
CA SER B 132 3.90 0.45 9.04
C SER B 132 3.28 1.43 8.06
N VAL B 133 2.87 0.94 6.89
CA VAL B 133 2.24 1.81 5.89
C VAL B 133 0.96 2.41 6.45
N VAL B 134 0.12 1.58 7.07
CA VAL B 134 -1.15 2.05 7.61
C VAL B 134 -0.92 3.07 8.72
N TYR B 135 0.05 2.80 9.59
CA TYR B 135 0.34 3.72 10.69
C TYR B 135 0.84 5.06 10.16
N GLU B 136 1.69 5.05 9.12
CA GLU B 136 2.15 6.29 8.53
C GLU B 136 1.01 7.09 7.92
N LEU B 137 0.10 6.41 7.21
CA LEU B 137 -1.04 7.12 6.63
C LEU B 137 -1.91 7.75 7.69
N PHE B 138 -2.21 7.00 8.77
CA PHE B 138 -3.03 7.54 9.84
C PHE B 138 -2.31 8.69 10.56
N LEU B 139 -1.00 8.59 10.72
CA LEU B 139 -0.23 9.66 11.35
C LEU B 139 -0.31 10.93 10.53
N ILE B 140 -0.19 10.82 9.20
CA ILE B 140 -0.28 12.01 8.36
C ILE B 140 -1.68 12.60 8.41
N PHE B 141 -2.70 11.75 8.38
CA PHE B 141 -4.07 12.25 8.48
C PHE B 141 -4.29 13.01 9.79
N ILE B 142 -3.77 12.46 10.89
CA ILE B 142 -3.88 13.15 12.17
C ILE B 142 -3.11 14.46 12.13
N LEU B 143 -1.95 14.48 11.47
CA LEU B 143 -1.13 15.68 11.40
C LEU B 143 -1.87 16.81 10.69
N PHE B 144 -2.55 16.50 9.59
CA PHE B 144 -3.08 17.55 8.72
C PHE B 144 -4.37 18.20 9.25
N GLN B 145 -4.83 17.82 10.44
CA GLN B 145 -6.02 18.43 11.03
C GLN B 145 -5.60 19.42 12.12
N THR B 146 -6.60 19.99 12.79
CA THR B 146 -6.35 20.82 13.96
C THR B 146 -6.10 19.93 15.17
N VAL B 147 -5.70 20.54 16.29
CA VAL B 147 -5.31 19.75 17.46
C VAL B 147 -6.53 19.13 18.12
N GLN B 148 -7.58 19.92 18.34
CA GLN B 148 -8.76 19.38 19.02
C GLN B 148 -9.48 18.35 18.16
N ASP B 149 -9.54 18.58 16.85
CA ASP B 149 -10.16 17.59 15.97
C ASP B 149 -9.34 16.30 15.94
N GLY B 150 -8.01 16.41 16.00
CA GLY B 150 -7.20 15.21 16.09
C GLY B 150 -7.43 14.44 17.37
N ARG B 151 -7.55 15.16 18.50
CA ARG B 151 -7.86 14.50 19.76
C ARG B 151 -9.23 13.84 19.73
N GLN B 152 -10.22 14.49 19.11
CA GLN B 152 -11.52 13.84 18.97
C GLN B 152 -11.48 12.66 18.01
N PHE B 153 -10.59 12.69 17.01
CA PHE B 153 -10.40 11.51 16.16
C PHE B 153 -9.86 10.34 16.97
N LEU B 154 -8.89 10.62 17.85
CA LEU B 154 -8.43 9.58 18.76
C LEU B 154 -9.55 9.12 19.69
N LYS B 155 -10.45 10.02 20.05
CA LYS B 155 -11.63 9.64 20.82
C LYS B 155 -12.54 8.71 20.02
N TYR B 156 -12.61 8.93 18.70
CA TYR B 156 -13.31 7.99 17.83
C TYR B 156 -12.64 6.63 17.87
N VAL B 157 -11.30 6.59 17.92
CA VAL B 157 -10.59 5.32 18.02
C VAL B 157 -10.96 4.61 19.31
N ASP B 158 -10.96 5.32 20.44
CA ASP B 158 -11.33 4.77 21.74
C ASP B 158 -12.17 5.79 22.48
N PRO B 159 -13.36 5.41 22.95
CA PRO B 159 -14.33 6.43 23.42
C PRO B 159 -13.99 7.07 24.76
N LYS B 160 -12.78 6.84 25.27
CA LYS B 160 -12.37 7.43 26.54
C LYS B 160 -11.36 8.57 26.38
N LEU B 161 -10.69 8.67 25.24
CA LEU B 161 -9.70 9.71 25.03
C LEU B 161 -10.39 11.03 24.67
N GLY B 162 -9.60 12.06 24.42
CA GLY B 162 -10.16 13.38 24.16
C GLY B 162 -10.45 14.20 25.39
N VAL B 163 -10.01 13.77 26.57
CA VAL B 163 -10.24 14.50 27.81
C VAL B 163 -8.89 14.78 28.45
N PRO B 164 -8.69 15.93 29.09
CA PRO B 164 -7.41 16.21 29.74
C PRO B 164 -7.17 15.28 30.93
N LEU B 165 -6.18 14.42 30.80
CA LEU B 165 -5.81 13.53 31.89
C LEU B 165 -5.01 14.29 32.95
N PRO B 166 -5.10 13.88 34.21
CA PRO B 166 -4.35 14.56 35.27
C PRO B 166 -2.85 14.30 35.16
N GLU B 167 -2.07 15.22 35.73
CA GLU B 167 -0.62 15.14 35.72
C GLU B 167 -0.11 14.87 37.13
N ARG B 168 0.90 13.99 37.21
CA ARG B 168 1.49 13.61 38.48
C ARG B 168 3.00 13.51 38.32
N ASP B 169 3.71 13.68 39.44
CA ASP B 169 5.16 13.60 39.46
C ASP B 169 5.61 12.29 40.09
N TYR B 170 6.73 11.76 39.61
CA TYR B 170 7.27 10.49 40.06
C TYR B 170 8.51 10.62 40.93
N GLY B 171 9.42 11.51 40.59
CA GLY B 171 10.65 11.68 41.35
C GLY B 171 10.57 12.69 42.46
N GLY B 172 9.38 12.80 43.07
CA GLY B 172 9.22 13.73 44.19
C GLY B 172 9.91 13.28 45.44
N ASN B 173 10.22 11.99 45.56
CA ASN B 173 10.87 11.43 46.74
C ASN B 173 12.22 10.85 46.33
N CYS B 174 13.28 11.35 46.95
CA CYS B 174 14.64 10.86 46.72
C CYS B 174 15.23 10.52 48.09
N LEU B 175 16.54 10.29 48.13
CA LEU B 175 17.26 9.92 49.36
C LEU B 175 16.70 8.62 49.94
N ILE B 176 17.00 7.54 49.22
CA ILE B 176 16.45 6.22 49.52
C ILE B 176 16.58 5.88 51.01
N TYR B 177 17.75 6.15 51.59
CA TYR B 177 17.94 5.89 53.03
C TYR B 177 17.31 7.06 53.78
N ASP B 178 15.99 7.04 53.92
CA ASP B 178 15.22 8.13 54.49
C ASP B 178 14.61 7.71 55.81
N PRO B 179 14.92 8.41 56.90
CA PRO B 179 14.25 8.15 58.18
C PRO B 179 12.88 8.79 58.31
N ASP B 180 12.31 9.30 57.22
CA ASP B 180 10.97 9.88 57.28
C ASP B 180 9.93 8.83 57.66
N ASN B 181 10.02 7.64 57.05
CA ASN B 181 9.11 6.54 57.34
C ASN B 181 9.90 5.46 58.06
N GLU B 182 9.60 5.28 59.35
CA GLU B 182 10.36 4.32 60.16
C GLU B 182 10.00 2.88 59.80
N THR B 183 8.75 2.64 59.39
CA THR B 183 8.29 1.28 59.16
C THR B 183 9.06 0.60 58.03
N ASP B 184 9.22 1.28 56.90
CA ASP B 184 9.88 0.70 55.73
C ASP B 184 10.98 1.64 55.25
N PRO B 185 12.26 1.26 55.38
CA PRO B 185 13.32 2.11 54.83
C PRO B 185 13.22 2.29 53.32
N PHE B 186 12.69 1.30 52.61
CA PHE B 186 12.57 1.34 51.16
C PHE B 186 11.23 1.92 50.70
N HIS B 187 10.63 2.81 51.49
CA HIS B 187 9.36 3.42 51.10
C HIS B 187 9.52 4.24 49.83
N ASN B 188 10.66 4.92 49.67
CA ASN B 188 10.92 5.66 48.45
C ASN B 188 11.12 4.72 47.26
N ILE B 189 11.80 3.60 47.49
CA ILE B 189 12.07 2.66 46.40
C ILE B 189 10.80 1.98 45.93
N TRP B 190 9.88 1.70 46.87
CA TRP B 190 8.73 0.84 46.56
C TRP B 190 7.89 1.40 45.43
N ASP B 191 7.63 2.71 45.44
CA ASP B 191 6.86 3.30 44.36
C ASP B 191 7.63 3.28 43.05
N LYS B 192 8.97 3.36 43.12
CA LYS B 192 9.79 3.32 41.92
C LYS B 192 9.75 1.94 41.27
N LEU B 193 9.70 0.88 42.09
CA LEU B 193 9.72 -0.49 41.57
C LEU B 193 8.34 -0.80 40.98
N ASP B 194 8.17 -0.40 39.72
CA ASP B 194 6.95 -0.61 38.97
C ASP B 194 7.26 -1.47 37.74
N GLY B 195 6.30 -1.56 36.83
CA GLY B 195 6.50 -2.30 35.60
C GLY B 195 7.56 -1.71 34.69
N PHE B 196 8.04 -0.51 34.97
CA PHE B 196 9.07 0.11 34.13
C PHE B 196 10.36 -0.69 34.15
N VAL B 197 10.77 -1.15 35.33
CA VAL B 197 12.05 -1.89 35.43
C VAL B 197 12.01 -3.20 34.66
N PRO B 198 10.99 -4.07 34.80
CA PRO B 198 10.95 -5.25 33.93
C PRO B 198 10.83 -4.89 32.46
N ALA B 199 10.28 -3.72 32.15
CA ALA B 199 10.16 -3.29 30.76
C ALA B 199 11.52 -2.91 30.18
N HIS B 200 12.38 -2.30 31.00
CA HIS B 200 13.68 -1.84 30.51
C HIS B 200 14.53 -3.01 30.03
N PHE B 201 14.55 -4.10 30.80
CA PHE B 201 15.37 -5.26 30.42
C PHE B 201 14.96 -5.80 29.05
N LEU B 202 13.66 -6.06 28.85
CA LEU B 202 13.20 -6.57 27.57
C LEU B 202 13.43 -5.56 26.46
N GLY B 203 13.16 -4.28 26.73
CA GLY B 203 13.30 -3.27 25.71
C GLY B 203 14.72 -3.16 25.20
N TRP B 204 15.70 -3.10 26.11
CA TRP B 204 17.07 -2.97 25.66
C TRP B 204 17.66 -4.29 25.18
N TYR B 205 17.14 -5.43 25.65
CA TYR B 205 17.50 -6.70 25.02
C TYR B 205 17.11 -6.71 23.55
N LEU B 206 15.87 -6.31 23.24
CA LEU B 206 15.46 -6.25 21.85
C LEU B 206 16.20 -5.15 21.08
N LYS B 207 16.45 -4.01 21.70
CA LYS B 207 17.13 -2.92 21.03
C LYS B 207 18.61 -3.19 20.78
N THR B 208 19.23 -4.09 21.55
CA THR B 208 20.59 -4.52 21.26
C THR B 208 20.62 -5.75 20.35
N LEU B 209 19.52 -6.48 20.22
CA LEU B 209 19.39 -7.43 19.13
C LEU B 209 19.16 -6.73 17.79
N MET B 210 18.60 -5.52 17.83
CA MET B 210 18.32 -4.79 16.58
C MET B 210 19.58 -4.21 15.95
N ILE B 211 20.46 -3.63 16.76
CA ILE B 211 21.62 -2.92 16.23
C ILE B 211 22.90 -3.75 16.27
N ARG B 212 23.00 -4.74 17.15
CA ARG B 212 24.08 -5.73 17.12
C ARG B 212 25.45 -5.08 17.27
N ASP B 213 25.59 -4.19 18.26
CA ASP B 213 26.87 -3.57 18.55
C ASP B 213 26.88 -3.11 20.00
N TRP B 214 28.03 -3.20 20.66
CA TRP B 214 28.14 -2.78 22.05
C TRP B 214 28.29 -1.27 22.15
N TRP B 215 29.30 -0.71 21.49
CA TRP B 215 29.60 0.71 21.64
C TRP B 215 28.46 1.58 21.16
N MET B 216 27.87 1.24 20.02
CA MET B 216 26.74 2.01 19.51
C MET B 216 25.55 1.94 20.47
N CYS B 217 25.30 0.75 21.03
CA CYS B 217 24.18 0.60 21.96
C CYS B 217 24.39 1.43 23.22
N MET B 218 25.59 1.37 23.79
CA MET B 218 25.86 2.12 25.02
C MET B 218 25.84 3.62 24.76
N ILE B 219 26.34 4.05 23.59
CA ILE B 219 26.31 5.48 23.29
C ILE B 219 24.88 5.96 23.06
N ILE B 220 24.03 5.11 22.46
CA ILE B 220 22.63 5.48 22.28
C ILE B 220 21.94 5.60 23.62
N SER B 221 22.18 4.65 24.52
CA SER B 221 21.57 4.70 25.85
C SER B 221 22.01 5.94 26.61
N VAL B 222 23.31 6.24 26.60
CA VAL B 222 23.82 7.39 27.33
C VAL B 222 23.28 8.69 26.75
N MET B 223 23.26 8.80 25.42
CA MET B 223 22.73 10.00 24.77
C MET B 223 21.26 10.18 25.09
N PHE B 224 20.49 9.08 25.09
CA PHE B 224 19.07 9.19 25.40
C PHE B 224 18.86 9.61 26.85
N GLU B 225 19.69 9.13 27.77
CA GLU B 225 19.53 9.53 29.17
C GLU B 225 19.88 11.00 29.36
N PHE B 226 20.94 11.48 28.70
CA PHE B 226 21.25 12.90 28.76
C PHE B 226 20.12 13.73 28.15
N LEU B 227 19.55 13.26 27.04
CA LEU B 227 18.42 13.95 26.42
C LEU B 227 17.22 13.98 27.35
N GLU B 228 16.96 12.88 28.06
CA GLU B 228 15.85 12.82 29.01
C GLU B 228 16.06 13.80 30.15
N TYR B 229 17.29 13.89 30.65
CA TYR B 229 17.57 14.85 31.72
C TYR B 229 17.39 16.28 31.21
N SER B 230 17.82 16.56 29.98
CA SER B 230 17.62 17.89 29.42
C SER B 230 16.15 18.13 29.06
N LEU B 231 15.35 17.07 29.01
CA LEU B 231 13.95 17.14 28.59
C LEU B 231 13.00 17.38 29.75
N GLU B 232 13.52 17.56 30.95
CA GLU B 232 12.67 17.54 32.15
C GLU B 232 11.78 18.77 32.24
N HIS B 233 12.29 19.96 31.91
CA HIS B 233 11.53 21.17 32.16
C HIS B 233 10.61 21.53 31.00
N GLN B 234 10.81 20.90 29.84
CA GLN B 234 9.91 21.09 28.70
C GLN B 234 8.82 20.02 28.63
N LEU B 235 8.75 19.15 29.63
CA LEU B 235 7.68 18.16 29.72
C LEU B 235 7.55 17.75 31.18
N PRO B 236 6.55 18.26 31.90
CA PRO B 236 6.56 18.19 33.37
C PRO B 236 6.50 16.79 33.95
N ASN B 237 6.04 15.78 33.20
CA ASN B 237 5.93 14.45 33.78
C ASN B 237 7.30 13.86 34.10
N PHE B 238 8.35 14.31 33.42
CA PHE B 238 9.71 13.87 33.72
C PHE B 238 10.13 14.28 35.12
N SER B 239 10.28 13.30 36.01
CA SER B 239 10.75 13.56 37.36
C SER B 239 11.38 12.26 37.87
N GLU B 240 12.71 12.23 37.90
CA GLU B 240 13.44 11.05 38.34
C GLU B 240 14.63 11.50 39.17
N CYS B 241 14.87 10.80 40.28
CA CYS B 241 16.06 11.08 41.07
C CYS B 241 17.29 10.55 40.36
N TRP B 242 18.46 11.04 40.80
CA TRP B 242 19.70 10.65 40.14
C TRP B 242 19.97 9.16 40.27
N TRP B 243 19.68 8.59 41.45
CA TRP B 243 19.82 7.14 41.61
C TRP B 243 18.85 6.40 40.70
N ASP B 244 17.59 6.86 40.64
CA ASP B 244 16.62 6.23 39.75
C ASP B 244 17.00 6.45 38.29
N HIS B 245 17.60 7.60 37.99
CA HIS B 245 18.07 7.85 36.63
C HIS B 245 19.15 6.86 36.21
N TRP B 246 20.16 6.66 37.06
CA TRP B 246 21.33 5.89 36.65
C TRP B 246 21.31 4.45 37.15
N ILE B 247 21.28 4.23 38.47
CA ILE B 247 21.40 2.88 39.00
C ILE B 247 20.20 2.04 38.60
N MET B 248 19.02 2.66 38.51
CA MET B 248 17.81 1.89 38.26
C MET B 248 17.58 1.67 36.77
N ASP B 249 18.15 2.52 35.91
CA ASP B 249 17.93 2.40 34.47
C ASP B 249 19.20 2.05 33.70
N VAL B 250 20.23 2.89 33.75
CA VAL B 250 21.41 2.65 32.93
C VAL B 250 22.19 1.46 33.47
N LEU B 251 22.32 1.35 34.79
CA LEU B 251 22.98 0.20 35.37
C LEU B 251 22.24 -1.09 35.05
N VAL B 252 20.90 -1.07 35.18
CA VAL B 252 20.14 -2.29 34.94
C VAL B 252 20.23 -2.71 33.47
N CYS B 253 20.13 -1.74 32.56
CA CYS B 253 20.18 -2.08 31.14
C CYS B 253 21.52 -2.69 30.76
N ASN B 254 22.62 -2.01 31.09
CA ASN B 254 23.94 -2.52 30.76
C ASN B 254 24.22 -3.86 31.46
N GLY B 255 23.81 -3.99 32.73
CA GLY B 255 24.10 -5.21 33.45
C GLY B 255 23.32 -6.41 32.94
N LEU B 256 22.05 -6.21 32.56
CA LEU B 256 21.18 -7.32 32.23
C LEU B 256 20.79 -7.33 30.76
N GLY B 257 20.15 -6.28 30.24
CA GLY B 257 19.59 -6.34 28.91
C GLY B 257 20.65 -6.37 27.83
N ILE B 258 21.58 -5.41 27.85
CA ILE B 258 22.63 -5.37 26.85
C ILE B 258 23.52 -6.60 26.96
N TYR B 259 23.87 -7.00 28.18
CA TYR B 259 24.72 -8.16 28.36
C TYR B 259 24.04 -9.43 27.87
N CYS B 260 22.74 -9.59 28.14
CA CYS B 260 22.03 -10.77 27.66
C CYS B 260 21.88 -10.75 26.14
N GLY B 261 21.69 -9.57 25.56
CA GLY B 261 21.64 -9.47 24.11
C GLY B 261 22.95 -9.87 23.46
N MET B 262 24.06 -9.39 24.01
CA MET B 262 25.37 -9.77 23.46
C MET B 262 25.65 -11.25 23.70
N LYS B 263 25.23 -11.79 24.85
CA LYS B 263 25.39 -13.22 25.09
C LYS B 263 24.58 -14.04 24.10
N THR B 264 23.35 -13.60 23.80
CA THR B 264 22.54 -14.29 22.82
C THR B 264 23.16 -14.23 21.43
N LEU B 265 23.68 -13.06 21.05
CA LEU B 265 24.33 -12.92 19.75
C LEU B 265 25.54 -13.85 19.65
N GLU B 266 26.35 -13.92 20.71
CA GLU B 266 27.51 -14.81 20.70
C GLU B 266 27.08 -16.28 20.66
N TRP B 267 26.04 -16.63 21.42
CA TRP B 267 25.60 -18.01 21.50
C TRP B 267 25.01 -18.50 20.18
N LEU B 268 24.22 -17.66 19.52
CA LEU B 268 23.53 -18.06 18.29
C LEU B 268 24.27 -17.62 17.04
N SER B 269 25.46 -17.02 17.19
CA SER B 269 26.37 -16.81 16.08
C SER B 269 27.47 -17.85 16.01
N LEU B 270 27.49 -18.79 16.96
CA LEU B 270 28.39 -19.93 16.94
C LEU B 270 27.64 -21.23 16.72
N LYS B 271 26.61 -21.19 15.87
CA LYS B 271 25.74 -22.32 15.62
C LYS B 271 25.81 -22.71 14.15
N THR B 272 25.57 -23.99 13.89
CA THR B 272 25.53 -24.53 12.53
C THR B 272 24.08 -24.56 12.08
N TYR B 273 23.80 -23.83 11.00
CA TYR B 273 22.43 -23.68 10.50
C TYR B 273 22.20 -24.68 9.38
N LYS B 274 21.81 -25.90 9.75
CA LYS B 274 21.45 -26.94 8.80
C LYS B 274 20.05 -27.42 9.14
N TRP B 275 19.14 -27.31 8.19
CA TRP B 275 17.73 -27.62 8.41
C TRP B 275 17.24 -28.62 7.38
N GLN B 276 16.22 -29.40 7.76
CA GLN B 276 15.62 -30.39 6.87
C GLN B 276 14.11 -30.39 7.10
N GLY B 277 13.43 -31.36 6.49
CA GLY B 277 11.99 -31.41 6.55
C GLY B 277 11.48 -31.79 7.94
N LEU B 278 10.20 -31.48 8.15
CA LEU B 278 9.55 -31.78 9.42
C LEU B 278 9.17 -33.25 9.55
N TRP B 279 9.16 -34.00 8.45
CA TRP B 279 8.82 -35.41 8.48
C TRP B 279 10.01 -36.33 8.28
N ASN B 280 11.18 -35.80 7.95
CA ASN B 280 12.40 -36.59 7.82
C ASN B 280 13.21 -36.62 9.11
N ILE B 281 12.78 -35.91 10.15
CA ILE B 281 13.49 -35.83 11.43
C ILE B 281 13.22 -37.09 12.23
N PRO B 282 14.01 -37.38 13.27
CA PRO B 282 13.73 -38.54 14.13
C PRO B 282 12.45 -38.39 14.94
N THR B 283 12.22 -39.32 15.85
CA THR B 283 10.96 -39.41 16.59
C THR B 283 10.77 -38.19 17.49
N TYR B 284 9.70 -38.22 18.28
CA TYR B 284 9.12 -37.06 18.97
C TYR B 284 10.16 -36.12 19.59
N LYS B 285 11.31 -36.64 20.00
CA LYS B 285 12.40 -35.78 20.45
C LYS B 285 12.82 -34.83 19.33
N GLY B 286 13.12 -35.38 18.16
CA GLY B 286 13.46 -34.56 17.02
C GLY B 286 12.31 -33.68 16.56
N LYS B 287 11.07 -34.18 16.68
CA LYS B 287 9.90 -33.38 16.34
C LYS B 287 9.83 -32.13 17.20
N MET B 288 9.96 -32.29 18.52
CA MET B 288 9.94 -31.14 19.41
C MET B 288 11.14 -30.23 19.17
N LYS B 289 12.30 -30.81 18.88
CA LYS B 289 13.49 -30.01 18.57
C LYS B 289 13.23 -29.11 17.35
N ARG B 290 12.69 -29.68 16.28
CA ARG B 290 12.42 -28.89 15.08
C ARG B 290 11.33 -27.85 15.34
N ILE B 291 10.28 -28.22 16.09
CA ILE B 291 9.21 -27.26 16.38
C ILE B 291 9.76 -26.07 17.16
N ALA B 292 10.61 -26.33 18.15
CA ALA B 292 11.19 -25.24 18.95
C ALA B 292 12.17 -24.41 18.11
N PHE B 293 12.99 -25.06 17.31
CA PHE B 293 14.04 -24.36 16.57
C PHE B 293 13.52 -23.68 15.30
N GLN B 294 12.28 -23.93 14.89
CA GLN B 294 11.74 -23.24 13.73
C GLN B 294 11.65 -21.73 13.97
N PHE B 295 11.53 -21.32 15.23
CA PHE B 295 11.43 -19.90 15.56
C PHE B 295 12.80 -19.29 15.87
N THR B 296 13.88 -20.05 15.71
CA THR B 296 15.24 -19.57 15.77
C THR B 296 15.69 -19.08 14.39
N PRO B 297 16.59 -18.10 14.32
CA PRO B 297 16.81 -17.44 13.02
C PRO B 297 17.54 -18.31 12.03
N TYR B 298 17.30 -18.04 10.75
CA TYR B 298 17.92 -18.81 9.67
C TYR B 298 19.44 -18.69 9.72
N SER B 299 19.95 -17.49 9.47
CA SER B 299 21.37 -17.18 9.57
C SER B 299 21.53 -15.67 9.49
N TRP B 300 22.26 -15.09 10.44
CA TRP B 300 22.44 -13.65 10.48
C TRP B 300 23.89 -13.29 10.19
N VAL B 301 24.08 -12.02 9.84
CA VAL B 301 25.40 -11.42 9.68
C VAL B 301 25.46 -10.26 10.65
N ARG B 302 26.27 -10.41 11.70
CA ARG B 302 26.35 -9.38 12.74
C ARG B 302 26.93 -8.09 12.15
N PHE B 303 26.25 -6.98 12.42
CA PHE B 303 26.69 -5.70 11.89
C PHE B 303 27.96 -5.25 12.59
N GLU B 304 28.85 -4.58 11.85
CA GLU B 304 30.09 -4.04 12.38
C GLU B 304 30.24 -2.59 11.89
N TRP B 305 29.76 -1.65 12.70
CA TRP B 305 29.79 -0.24 12.33
C TRP B 305 31.15 0.38 12.66
N LYS B 306 32.05 0.41 11.68
CA LYS B 306 33.33 1.06 11.85
C LYS B 306 33.26 2.49 11.31
N PRO B 307 33.02 3.48 12.15
CA PRO B 307 32.71 4.82 11.63
C PRO B 307 33.94 5.64 11.24
N ALA B 308 35.09 5.32 11.83
CA ALA B 308 36.31 6.10 11.61
C ALA B 308 37.10 5.54 10.44
N SER B 309 36.46 5.56 9.26
CA SER B 309 37.13 5.12 8.03
C SER B 309 36.89 6.13 6.91
N SER B 310 35.83 6.91 7.02
CA SER B 310 35.48 7.89 6.00
C SER B 310 34.68 9.01 6.64
N LEU B 311 34.08 9.87 5.83
CA LEU B 311 33.24 10.95 6.31
C LEU B 311 31.75 10.67 6.11
N ARG B 312 31.37 10.16 4.93
CA ARG B 312 29.98 9.79 4.68
C ARG B 312 29.54 8.70 5.65
N ARG B 313 30.42 7.73 5.93
CA ARG B 313 30.08 6.66 6.86
C ARG B 313 29.90 7.20 8.27
N TRP B 314 30.76 8.13 8.69
CA TRP B 314 30.61 8.77 10.00
C TRP B 314 29.28 9.52 10.09
N LEU B 315 28.94 10.27 9.05
CA LEU B 315 27.69 11.02 9.05
C LEU B 315 26.49 10.07 9.02
N ALA B 316 26.63 8.92 8.37
CA ALA B 316 25.53 7.95 8.35
C ALA B 316 25.33 7.33 9.72
N VAL B 317 26.42 7.02 10.43
CA VAL B 317 26.28 6.50 11.79
C VAL B 317 25.67 7.56 12.70
N CYS B 318 26.10 8.82 12.55
CA CYS B 318 25.49 9.90 13.33
C CYS B 318 23.99 10.02 13.00
N GLY B 319 23.63 9.87 11.73
CA GLY B 319 22.24 9.97 11.35
C GLY B 319 21.37 8.86 11.93
N ILE B 320 21.88 7.63 11.90
CA ILE B 320 21.08 6.53 12.46
C ILE B 320 20.97 6.67 13.98
N ILE B 321 22.04 7.15 14.62
CA ILE B 321 21.96 7.42 16.06
C ILE B 321 20.91 8.51 16.34
N LEU B 322 20.89 9.55 15.51
CA LEU B 322 19.92 10.62 15.69
C LEU B 322 18.49 10.11 15.50
N VAL B 323 18.27 9.26 14.51
CA VAL B 323 16.95 8.69 14.29
C VAL B 323 16.54 7.82 15.48
N PHE B 324 17.49 7.03 16.01
CA PHE B 324 17.19 6.21 17.17
C PHE B 324 16.81 7.06 18.38
N LEU B 325 17.50 8.17 18.58
CA LEU B 325 17.16 9.06 19.69
C LEU B 325 15.79 9.70 19.48
N LEU B 326 15.52 10.17 18.26
CA LEU B 326 14.26 10.83 17.95
C LEU B 326 13.09 9.87 18.11
N ALA B 327 13.32 8.58 17.86
CA ALA B 327 12.25 7.60 18.02
C ALA B 327 11.73 7.61 19.46
N GLU B 328 12.63 7.51 20.44
CA GLU B 328 12.20 7.52 21.83
C GLU B 328 11.69 8.90 22.26
N LEU B 329 12.33 9.97 21.79
CA LEU B 329 11.86 11.31 22.11
C LEU B 329 10.41 11.50 21.69
N ASN B 330 10.10 11.19 20.43
CA ASN B 330 8.74 11.36 19.95
C ASN B 330 7.81 10.28 20.47
N THR B 331 8.32 9.14 20.92
CA THR B 331 7.47 8.19 21.65
C THR B 331 6.90 8.83 22.89
N PHE B 332 7.78 9.39 23.73
CA PHE B 332 7.31 10.04 24.95
C PHE B 332 6.43 11.26 24.63
N TYR B 333 6.86 12.08 23.67
CA TYR B 333 6.10 13.29 23.39
C TYR B 333 4.76 12.98 22.72
N LEU B 334 4.66 11.87 22.01
CA LEU B 334 3.38 11.47 21.42
C LEU B 334 2.44 10.93 22.49
N LYS B 335 2.96 10.09 23.39
CA LYS B 335 2.11 9.64 24.48
C LYS B 335 1.69 10.80 25.38
N PHE B 336 2.42 11.91 25.37
CA PHE B 336 2.02 13.09 26.14
C PHE B 336 1.01 13.97 25.41
N VAL B 337 1.33 14.38 24.18
CA VAL B 337 0.59 15.46 23.54
C VAL B 337 -0.75 15.02 22.97
N LEU B 338 -0.91 13.76 22.57
CA LEU B 338 -2.17 13.28 22.03
C LEU B 338 -3.16 12.89 23.12
N TRP B 339 -2.84 13.21 24.38
CA TRP B 339 -3.73 12.98 25.53
C TRP B 339 -4.04 11.49 25.70
N MET B 340 -3.05 10.64 25.45
CA MET B 340 -3.27 9.24 25.75
C MET B 340 -2.60 8.85 27.06
N PRO B 341 -3.25 8.06 27.91
CA PRO B 341 -2.61 7.61 29.14
C PRO B 341 -1.47 6.66 28.83
N PRO B 342 -0.45 6.60 29.68
CA PRO B 342 0.70 5.72 29.40
C PRO B 342 0.33 4.26 29.27
N GLU B 343 -0.66 3.80 30.04
CA GLU B 343 -1.05 2.39 30.05
C GLU B 343 -2.04 2.04 28.93
N HIS B 344 -2.44 2.98 28.08
CA HIS B 344 -3.38 2.67 27.01
C HIS B 344 -2.77 1.67 26.04
N TYR B 345 -3.61 0.79 25.50
CA TYR B 345 -3.12 -0.28 24.63
C TYR B 345 -2.52 0.26 23.34
N LEU B 346 -2.87 1.48 22.94
CA LEU B 346 -2.27 2.07 21.74
C LEU B 346 -0.77 2.24 21.90
N VAL B 347 -0.32 2.68 23.09
CA VAL B 347 1.11 2.86 23.32
C VAL B 347 1.84 1.53 23.25
N LEU B 348 1.26 0.48 23.84
CA LEU B 348 1.91 -0.83 23.81
C LEU B 348 1.95 -1.39 22.39
N LEU B 349 0.88 -1.21 21.62
CA LEU B 349 0.89 -1.64 20.23
C LEU B 349 1.95 -0.89 19.44
N ARG B 350 2.07 0.42 19.69
CA ARG B 350 3.11 1.20 19.03
C ARG B 350 4.50 0.71 19.39
N LEU B 351 4.72 0.37 20.66
CA LEU B 351 6.02 -0.13 21.09
C LEU B 351 6.36 -1.45 20.41
N VAL B 352 5.40 -2.39 20.34
CA VAL B 352 5.67 -3.67 19.69
C VAL B 352 5.96 -3.48 18.22
N PHE B 353 5.13 -2.67 17.54
CA PHE B 353 5.35 -2.41 16.13
C PHE B 353 6.70 -1.76 15.89
N PHE B 354 7.08 -0.80 16.74
CA PHE B 354 8.36 -0.14 16.56
C PHE B 354 9.52 -1.08 16.80
N VAL B 355 9.39 -2.00 17.75
CA VAL B 355 10.45 -2.99 17.97
C VAL B 355 10.68 -3.80 16.69
N ASN B 356 9.60 -4.36 16.15
CA ASN B 356 9.75 -5.21 14.96
C ASN B 356 10.25 -4.41 13.76
N VAL B 357 9.62 -3.26 13.50
CA VAL B 357 9.96 -2.48 12.32
C VAL B 357 11.37 -1.91 12.44
N GLY B 358 11.81 -1.58 13.66
CA GLY B 358 13.14 -1.07 13.88
C GLY B 358 14.18 -2.13 13.64
N GLY B 359 13.92 -3.37 14.08
CA GLY B 359 14.85 -4.44 13.76
C GLY B 359 15.01 -4.64 12.26
N VAL B 360 13.89 -4.72 11.55
CA VAL B 360 13.96 -4.96 10.11
C VAL B 360 14.66 -3.79 9.40
N ALA B 361 14.27 -2.55 9.76
CA ALA B 361 14.85 -1.38 9.11
C ALA B 361 16.32 -1.23 9.45
N MET B 362 16.73 -1.64 10.65
CA MET B 362 18.13 -1.53 11.02
C MET B 362 18.98 -2.50 10.21
N ARG B 363 18.49 -3.73 10.01
CA ARG B 363 19.17 -4.64 9.10
C ARG B 363 19.23 -4.07 7.69
N GLU B 364 18.12 -3.49 7.22
CA GLU B 364 18.10 -2.97 5.86
C GLU B 364 19.07 -1.80 5.68
N ILE B 365 19.16 -0.91 6.67
CA ILE B 365 20.07 0.22 6.54
C ILE B 365 21.52 -0.25 6.64
N TYR B 366 21.81 -1.27 7.44
CA TYR B 366 23.17 -1.81 7.40
C TYR B 366 23.49 -2.40 6.02
N ASP B 367 22.55 -3.13 5.43
CA ASP B 367 22.77 -3.69 4.11
C ASP B 367 23.01 -2.59 3.08
N PHE B 368 22.24 -1.51 3.15
CA PHE B 368 22.46 -0.39 2.24
C PHE B 368 23.81 0.26 2.47
N MET B 369 24.23 0.38 3.73
CA MET B 369 25.46 1.11 4.03
C MET B 369 26.70 0.30 3.66
N ASP B 370 26.62 -1.02 3.74
CA ASP B 370 27.79 -1.86 3.52
C ASP B 370 27.97 -2.29 2.07
N ASP B 371 27.10 -1.86 1.17
CA ASP B 371 27.18 -2.34 -0.21
C ASP B 371 28.41 -1.79 -0.91
N PRO B 372 29.04 -2.58 -1.80
CA PRO B 372 30.10 -2.05 -2.64
C PRO B 372 29.65 -1.52 -4.00
N LYS B 373 28.42 -1.83 -4.41
CA LYS B 373 27.95 -1.45 -5.74
C LYS B 373 27.76 0.07 -5.81
N PRO B 374 27.93 0.65 -7.00
CA PRO B 374 27.90 2.12 -7.11
C PRO B 374 26.58 2.76 -6.70
N HIS B 375 25.45 2.11 -6.96
CA HIS B 375 24.16 2.71 -6.65
C HIS B 375 23.19 1.63 -6.20
N LYS B 376 22.71 1.74 -4.97
CA LYS B 376 21.73 0.84 -4.41
C LYS B 376 20.61 1.65 -3.76
N LYS B 377 19.38 1.18 -3.95
CA LYS B 377 18.21 1.83 -3.36
C LYS B 377 17.99 1.30 -1.95
N LEU B 378 17.78 2.21 -1.00
CA LEU B 378 17.51 1.82 0.37
C LEU B 378 16.21 1.02 0.45
N GLY B 379 16.20 -0.01 1.28
CA GLY B 379 15.05 -0.86 1.44
C GLY B 379 13.85 -0.09 1.92
N PRO B 380 12.65 -0.56 1.55
CA PRO B 380 11.43 0.19 1.91
C PRO B 380 11.20 0.30 3.41
N GLN B 381 11.72 -0.64 4.21
CA GLN B 381 11.43 -0.61 5.64
C GLN B 381 12.14 0.57 6.32
N ALA B 382 13.41 0.80 5.97
CA ALA B 382 14.13 1.94 6.53
C ALA B 382 13.50 3.25 6.08
N TRP B 383 13.09 3.32 4.81
CA TRP B 383 12.40 4.51 4.32
C TRP B 383 11.13 4.77 5.11
N LEU B 384 10.35 3.72 5.36
CA LEU B 384 9.09 3.88 6.09
C LEU B 384 9.34 4.28 7.53
N VAL B 385 10.36 3.70 8.17
CA VAL B 385 10.67 4.07 9.55
C VAL B 385 11.10 5.53 9.64
N ALA B 386 11.94 5.98 8.71
CA ALA B 386 12.35 7.37 8.71
C ALA B 386 11.15 8.29 8.47
N ALA B 387 10.26 7.92 7.55
CA ALA B 387 9.08 8.73 7.30
C ALA B 387 8.17 8.80 8.53
N ILE B 388 7.97 7.68 9.21
CA ILE B 388 7.13 7.66 10.40
C ILE B 388 7.74 8.53 11.50
N THR B 389 9.07 8.43 11.68
CA THR B 389 9.73 9.24 12.69
C THR B 389 9.59 10.73 12.38
N ALA B 390 9.79 11.11 11.11
CA ALA B 390 9.65 12.51 10.74
C ALA B 390 8.23 13.00 10.95
N THR B 391 7.24 12.18 10.58
CA THR B 391 5.84 12.57 10.75
C THR B 391 5.49 12.74 12.23
N GLU B 392 5.96 11.81 13.07
CA GLU B 392 5.71 11.92 14.50
C GLU B 392 6.35 13.16 15.08
N LEU B 393 7.58 13.47 14.68
CA LEU B 393 8.24 14.67 15.16
C LEU B 393 7.48 15.93 14.73
N LEU B 394 6.99 15.95 13.49
CA LEU B 394 6.24 17.10 13.02
C LEU B 394 4.93 17.25 13.79
N ILE B 395 4.26 16.13 14.08
CA ILE B 395 3.04 16.18 14.89
C ILE B 395 3.33 16.77 16.27
N VAL B 396 4.42 16.30 16.89
CA VAL B 396 4.80 16.79 18.22
C VAL B 396 5.07 18.29 18.17
N VAL B 397 5.81 18.75 17.16
CA VAL B 397 6.10 20.18 17.04
C VAL B 397 4.82 20.98 16.83
N LYS B 398 3.90 20.48 16.00
CA LYS B 398 2.69 21.22 15.69
C LYS B 398 1.76 21.33 16.89
N TYR B 399 1.49 20.21 17.55
CA TYR B 399 0.38 20.18 18.51
C TYR B 399 0.67 21.01 19.75
N ASP B 400 1.86 20.86 20.33
CA ASP B 400 2.23 21.59 21.55
C ASP B 400 3.58 22.27 21.34
N PRO B 401 3.60 23.41 20.65
CA PRO B 401 4.87 24.12 20.45
C PRO B 401 5.25 24.98 21.64
N HIS B 402 4.25 25.47 22.37
CA HIS B 402 4.52 26.35 23.51
C HIS B 402 5.30 25.61 24.60
N THR B 403 4.93 24.37 24.88
CA THR B 403 5.62 23.60 25.89
C THR B 403 7.01 23.17 25.42
N LEU B 404 7.16 22.88 24.13
CA LEU B 404 8.43 22.43 23.58
C LEU B 404 9.44 23.56 23.41
N THR B 405 8.97 24.80 23.24
CA THR B 405 9.86 25.92 22.92
C THR B 405 10.51 26.54 24.16
N LEU B 406 10.29 25.97 25.34
CA LEU B 406 10.89 26.50 26.56
C LEU B 406 12.41 26.45 26.46
N SER B 407 13.04 27.53 26.92
CA SER B 407 14.50 27.66 26.83
C SER B 407 15.18 26.67 27.77
N LEU B 408 16.30 26.13 27.31
CA LEU B 408 17.01 25.12 28.08
C LEU B 408 17.57 25.74 29.35
N PRO B 409 17.74 24.94 30.41
CA PRO B 409 18.45 25.44 31.60
C PRO B 409 19.88 25.83 31.24
N PHE B 410 20.35 26.91 31.85
CA PHE B 410 21.67 27.44 31.49
C PHE B 410 22.78 26.47 31.91
N TYR B 411 22.67 25.89 33.10
CA TYR B 411 23.73 25.03 33.62
C TYR B 411 23.88 23.75 32.80
N ILE B 412 22.80 23.29 32.16
CA ILE B 412 22.92 22.11 31.30
C ILE B 412 23.20 22.54 29.86
N SER B 413 22.78 23.74 29.48
CA SER B 413 23.10 24.25 28.15
C SER B 413 24.61 24.45 27.99
N GLN B 414 25.28 24.86 29.07
CA GLN B 414 26.74 24.95 29.02
C GLN B 414 27.36 23.59 28.76
N CYS B 415 26.84 22.54 29.41
CA CYS B 415 27.35 21.19 29.17
C CYS B 415 27.10 20.75 27.73
N TRP B 416 25.92 21.08 27.19
CA TRP B 416 25.63 20.74 25.81
C TRP B 416 26.58 21.44 24.84
N THR B 417 26.86 22.73 25.09
CA THR B 417 27.81 23.45 24.24
C THR B 417 29.21 22.87 24.36
N LEU B 418 29.61 22.48 25.58
CA LEU B 418 30.91 21.84 25.76
C LEU B 418 30.99 20.53 24.99
N GLY B 419 29.93 19.72 25.03
CA GLY B 419 29.91 18.49 24.25
C GLY B 419 29.99 18.76 22.76
N SER B 420 29.26 19.76 22.29
CA SER B 420 29.29 20.09 20.86
C SER B 420 30.67 20.54 20.42
N VAL B 421 31.33 21.40 21.21
CA VAL B 421 32.66 21.87 20.83
C VAL B 421 33.67 20.73 20.94
N LEU B 422 33.47 19.81 21.88
CA LEU B 422 34.34 18.65 21.96
C LEU B 422 34.20 17.77 20.73
N ALA B 423 32.96 17.58 20.26
CA ALA B 423 32.75 16.82 19.03
C ALA B 423 33.39 17.51 17.83
N LEU B 424 33.28 18.83 17.76
CA LEU B 424 33.90 19.58 16.67
C LEU B 424 35.41 19.43 16.71
N THR B 425 36.01 19.50 17.90
CA THR B 425 37.45 19.30 18.03
C THR B 425 37.85 17.89 17.64
N TRP B 426 37.05 16.88 18.00
CA TRP B 426 37.34 15.51 17.59
C TRP B 426 37.31 15.39 16.07
N THR B 427 36.32 16.01 15.43
CA THR B 427 36.23 15.94 13.97
C THR B 427 37.42 16.63 13.31
N VAL B 428 37.81 17.81 13.81
CA VAL B 428 38.93 18.51 13.17
C VAL B 428 40.23 17.78 13.43
N TRP B 429 40.36 17.12 14.58
CA TRP B 429 41.55 16.29 14.83
C TRP B 429 41.58 15.08 13.91
N ARG B 430 40.41 14.50 13.64
CA ARG B 430 40.32 13.41 12.66
C ARG B 430 40.78 13.87 11.29
N PHE B 431 40.33 15.05 10.87
CA PHE B 431 40.77 15.60 9.59
C PHE B 431 42.27 15.87 9.60
N PHE B 432 42.80 16.39 10.71
CA PHE B 432 44.23 16.65 10.81
C PHE B 432 45.03 15.36 10.69
N LEU B 433 44.60 14.30 11.36
CA LEU B 433 45.34 13.04 11.31
C LEU B 433 45.25 12.41 9.93
N ARG B 434 44.09 12.53 9.28
CA ARG B 434 43.97 12.06 7.90
C ARG B 434 44.90 12.82 6.96
N ASP B 435 45.00 14.14 7.15
CA ASP B 435 45.91 14.93 6.34
C ASP B 435 47.36 14.53 6.57
N ILE B 436 47.73 14.31 7.84
CA ILE B 436 49.11 13.92 8.16
C ILE B 436 49.42 12.55 7.55
N THR B 437 48.50 11.61 7.68
CA THR B 437 48.70 10.27 7.12
C THR B 437 48.42 10.26 5.63
C P5S C . 5.67 -6.24 -23.45
N P5S C . 7.94 -6.45 -22.59
O P5S C . 5.78 -7.45 -23.79
C1 P5S C . 4.03 0.73 -23.89
C2 P5S C . 3.68 -0.31 -22.81
C3 P5S C . 4.96 -0.70 -22.09
CA P5S C . 6.76 -5.60 -22.61
CB P5S C . 7.12 -4.25 -23.21
OG P5S C . 6.98 -3.29 -22.21
P12 P5S C . 7.33 -1.73 -22.59
O13 P5S C . 8.32 -1.71 -23.73
O15 P5S C . 7.91 -1.04 -21.40
O16 P5S C . 5.93 -0.97 -23.07
C17 P5S C . 4.02 3.08 -24.26
O18 P5S C . 4.41 2.86 -25.36
O19 P5S C . 3.97 2.03 -23.31
C20 P5S C . 3.59 4.51 -23.86
C21 P5S C . 2.41 4.51 -22.87
C22 P5S C . 1.83 5.91 -22.63
C23 P5S C . 2.92 6.95 -22.35
C24 P5S C . 2.34 8.35 -22.13
C25 P5S C . 2.88 9.02 -20.86
O37 P5S C . 3.13 -1.45 -23.43
C38 P5S C . 2.00 -1.16 -24.24
C39 P5S C . 1.99 -1.58 -25.75
C40 P5S C . 1.44 -0.45 -26.65
C41 P5S C . 2.39 -0.15 -27.84
C42 P5S C . 1.88 1.03 -28.71
C43 P5S C . 3.05 1.75 -29.45
C44 P5S C . 2.55 2.64 -30.63
O47 P5S C . 1.06 -0.61 -23.79
OXT P5S C . 4.66 -5.58 -23.81
C P5S D . 17.34 3.54 -20.73
N P5S D . 19.15 4.91 -21.65
O P5S D . 17.22 2.65 -19.84
C1 P5S D . 13.91 11.29 -23.47
C2 P5S D . 14.75 10.95 -22.25
C3 P5S D . 16.04 10.26 -22.71
CA P5S D . 18.28 4.72 -20.50
CB P5S D . 17.49 5.99 -20.21
OG P5S D . 17.19 6.64 -21.40
P12 P5S D . 16.93 8.24 -21.26
O13 P5S D . 18.25 8.93 -21.31
O15 P5S D . 16.24 8.47 -19.94
O16 P5S D . 16.00 8.86 -22.48
C17 P5S D . 12.28 13.05 -23.65
O18 P5S D . 11.51 12.23 -24.00
O19 P5S D . 13.62 12.67 -23.32
C20 P5S D . 11.88 14.54 -23.57
C21 P5S D . 13.06 15.45 -23.20
C22 P5S D . 13.93 15.85 -24.40
C23 P5S D . 15.36 16.18 -24.01
O37 P5S D . 13.97 10.16 -21.38
C38 P5S D . 12.64 10.62 -21.14
C39 P5S D . 11.54 9.62 -20.66
C40 P5S D . 10.15 10.25 -20.39
C41 P5S D . 9.77 10.17 -18.89
C42 P5S D . 8.24 10.32 -18.62
C43 P5S D . 7.90 10.28 -17.11
C44 P5S D . 6.52 9.65 -16.80
C45 P5S D . 5.57 9.81 -18.02
O47 P5S D . 12.39 11.76 -21.29
OXT P5S D . 16.68 3.44 -21.80
CA CA E . -23.63 -0.53 -27.87
CBE RXY F . -7.07 -14.16 -12.98
CBF RXY F . -6.81 -13.00 -13.94
CBG RXY F . -7.41 -11.72 -13.36
CBH RXY F . -7.41 -10.59 -14.06
CBI RXY F . -6.79 -10.53 -15.45
CBJ RXY F . -7.89 -10.79 -16.48
CBK RXY F . -8.54 -9.80 -17.06
CBL RXY F . -8.23 -8.35 -16.71
CBM RXY F . -7.82 -7.61 -17.97
CBN RXY F . -8.43 -6.50 -18.34
CBO RXY F . -9.57 -5.92 -17.50
CBP RXY F . -9.69 -4.43 -17.80
CBQ RXY F . -10.78 -4.11 -18.83
CBR RXY F . -10.42 -2.89 -19.68
CBS RXY F . -11.64 -2.21 -20.27
CBT RXY F . -11.28 -1.05 -21.19
CBU RXY F . -12.49 -0.26 -21.66
CBV RXY F . -12.09 0.97 -22.48
OBY RXY F . -11.08 0.96 -23.10
OBW RXY F . -12.92 2.10 -22.53
CAW RXY F . -12.56 3.03 -23.51
CAX RXY F . -13.81 3.52 -24.25
OAY RXY F . -14.93 3.19 -23.47
PAZ RXY F . -15.94 2.02 -24.02
OBX RXY F . -15.24 1.19 -25.07
OAB RXY F . -16.35 1.12 -22.87
OBA RXY F . -17.29 2.70 -24.67
CBB RXY F . -18.53 2.31 -24.15
CBC RXY F . -19.52 2.21 -25.30
NBD RXY F . -20.84 1.85 -24.82
CAV RXY F . -11.86 4.22 -22.87
OAU RXY F . -11.85 5.28 -23.79
CAT RXY F . -10.64 5.97 -23.85
OAA RXY F . -10.19 6.27 -24.91
CAS RXY F . -9.90 6.33 -22.57
CAR RXY F . -8.67 7.20 -22.85
CAQ RXY F . -7.42 6.35 -23.11
CAP RXY F . -6.18 6.88 -22.38
CAO RXY F . -4.91 6.59 -23.17
CAN RXY F . -3.79 6.00 -22.30
CAM RXY F . -2.91 5.02 -23.08
CAL RXY F . -1.63 4.67 -22.33
CAK RXY F . -1.35 3.16 -22.37
CAJ RXY F . -1.13 2.65 -23.78
CAI RXY F . -1.63 1.23 -23.98
CAH RXY F . -2.84 0.91 -23.09
CAG RXY F . -2.92 -0.57 -22.72
CAF RXY F . -1.64 -1.09 -22.07
CAE RXY F . -1.35 -0.40 -20.73
C P5S G . 19.96 -11.24 9.76
N P5S G . 20.06 -12.82 7.90
O P5S G . 21.02 -10.71 9.34
C1 P5S G . 14.34 -13.69 14.03
C2 P5S G . 14.48 -12.55 12.99
C3 P5S G . 14.55 -13.16 11.61
CA P5S G . 19.16 -12.18 8.85
CB P5S G . 18.48 -13.24 9.69
OG P5S G . 17.23 -13.48 9.14
P12 P5S G . 16.18 -14.43 9.98
O13 P5S G . 16.81 -15.78 10.22
O15 P5S G . 14.91 -14.60 9.19
O16 P5S G . 15.83 -13.71 11.43
C17 P5S G . 12.70 -14.88 15.27
O18 P5S G . 13.59 -15.52 15.72
O19 P5S G . 12.96 -13.99 14.18
C20 P5S G . 11.27 -14.98 15.86
C21 P5S G . 10.54 -13.63 15.87
C22 P5S G . 9.21 -13.68 16.64
C23 P5S G . 8.36 -14.89 16.26
C24 P5S G . 7.05 -14.95 17.05
C25 P5S G . 5.83 -15.16 16.14
O37 P5S G . 15.67 -11.84 13.25
C38 P5S G . 15.79 -11.36 14.58
C39 P5S G . 17.03 -11.75 15.44
C40 P5S G . 16.62 -12.21 16.86
C41 P5S G . 17.24 -13.57 17.23
C42 P5S G . 16.79 -14.07 18.63
C43 P5S G . 16.77 -15.62 18.72
C44 P5S G . 16.73 -16.14 20.19
O47 P5S G . 14.94 -10.67 15.04
OXT P5S G . 19.56 -11.01 10.94
C P5S H . 11.83 -24.03 4.99
N P5S H . 11.52 -26.46 5.10
O P5S H . 11.98 -23.16 4.08
C1 P5S H . 6.97 -25.96 12.21
C2 P5S H . 6.61 -25.95 10.73
C3 P5S H . 7.58 -26.84 9.97
CA P5S H . 10.87 -25.21 4.77
CB P5S H . 9.60 -25.02 5.59
OG P5S H . 9.77 -25.58 6.85
P12 P5S H . 8.40 -26.03 7.60
O13 P5S H . 8.05 -27.41 7.13
O15 P5S H . 7.34 -25.03 7.22
O16 P5S H . 8.53 -26.10 9.24
C17 P5S H . 5.49 -25.54 14.06
O18 P5S H . 6.25 -24.70 14.42
O19 P5S H . 5.76 -26.28 12.87
C20 P5S H . 4.22 -25.86 14.88
C21 P5S H . 3.42 -27.04 14.30
C22 P5S H . 3.95 -28.41 14.76
C23 P5S H . 3.63 -29.52 13.76
O37 P5S H . 6.61 -24.61 10.28
C38 P5S H . 5.94 -23.66 11.11
C39 P5S H . 6.30 -22.15 11.03
C40 P5S H . 5.47 -21.22 11.96
C41 P5S H . 4.59 -20.25 11.14
C42 P5S H . 4.12 -19.00 11.95
C43 P5S H . 3.20 -18.07 11.12
C44 P5S H . 3.34 -16.57 11.48
C45 P5S H . 3.84 -16.41 12.94
O47 P5S H . 5.10 -24.04 11.85
OXT P5S H . 12.48 -23.92 6.07
CA CA I . 14.43 7.02 32.84
CBE RXY J . 18.15 6.36 7.01
CBF RXY J . 17.85 5.23 8.00
CBG RXY J . 16.41 5.39 8.52
CBH RXY J . 15.95 4.60 9.46
CBI RXY J . 16.80 3.49 10.06
CBJ RXY J . 17.51 4.03 11.30
CBK RXY J . 16.99 3.87 12.51
CBL RXY J . 15.67 3.15 12.71
CBM RXY J . 15.89 1.94 13.61
CBN RXY J . 15.18 1.77 14.71
CBO RXY J . 14.09 2.77 15.09
CBP RXY J . 13.07 2.08 15.99
CBQ RXY J . 13.31 2.34 17.48
CBR RXY J . 12.85 1.17 18.34
CBS RXY J . 12.60 1.57 19.80
CBT RXY J . 12.26 0.37 20.68
CBU RXY J . 11.80 0.76 22.07
CBV RXY J . 11.37 -0.44 22.90
OBY RXY J . 11.85 -1.51 22.68
OBW RXY J . 10.41 -0.30 23.91
CAW RXY J . 10.32 -1.42 24.75
CAX RXY J . 10.22 -0.96 26.21
OAY RXY J . 9.88 0.39 26.22
PAZ RXY J . 11.03 1.48 26.71
OBX RXY J . 12.40 0.84 26.62
OAB RXY J . 10.98 2.69 25.81
OBA RXY J . 10.73 1.93 28.26
CBB RXY J . 10.58 3.30 28.51
CBC RXY J . 11.09 3.58 29.92
NBD RXY J . 10.85 4.97 30.28
CAV RXY J . 9.08 -2.23 24.41
OAU RXY J . 8.81 -3.12 25.46
CAT RXY J . 8.46 -4.40 25.05
OAA RXY J . 8.91 -5.35 25.61
CAS RXY J . 7.49 -4.60 23.88
CAR RXY J . 7.11 -6.07 23.69
CAQ RXY J . 8.08 -6.78 22.76
CAP RXY J . 7.37 -7.69 21.74
CAO RXY J . 8.22 -8.91 21.38
CAN RXY J . 8.29 -9.15 19.88
CAM RXY J . 9.64 -9.75 19.46
CAL RXY J . 9.61 -10.28 18.02
CAK RXY J . 10.85 -9.83 17.23
CAJ RXY J . 12.14 -10.40 17.82
CAI RXY J . 13.32 -9.45 17.65
CAH RXY J . 12.89 -7.98 17.67
CAG RXY J . 13.82 -7.09 16.84
CAF RXY J . 13.99 -7.59 15.40
CAE RXY J . 12.68 -7.55 14.62
#